data_7Z71
#
_entry.id   7Z71
#
_cell.length_a   53.033
_cell.length_b   63.930
_cell.length_c   65.504
_cell.angle_alpha   114.460
_cell.angle_beta   94.600
_cell.angle_gamma   104.060
#
_symmetry.space_group_name_H-M   'P 1'
#
loop_
_entity.id
_entity.type
_entity.pdbx_description
1 polymer 'Isoform 4 of Tumor protein 63'
2 polymer 'Darpin C14'
3 non-polymer 'ZINC ION'
4 water water
#
loop_
_entity_poly.entity_id
_entity_poly.type
_entity_poly.pdbx_seq_one_letter_code
_entity_poly.pdbx_strand_id
1 'polypeptide(L)'
;GSSPAIPSNTDYPGPHSFDVSFQQSSTAKSATWTYSTELKKLYCQIAKTCPIQIKVMTPPPQGAVIRAMPVYKKAEHVTE
VVKRCPNHELSREFNEGQIAPPSHLIRVEGNSHAQYVEDPITGRQSVLVPYEPPQVGTEFTTVLYNFMCNSSCVGGMNRR
PILIIVTLETRDGQVLGRRCFEARICACPGRDRKADEDSIRKQQ
;
A,C
2 'polypeptide(L)'
;GSDLGKKLLEAAQIGQLDEVRILMANGADVNASDTDGLTPLHLAAASGHLEIVEVLLKTGADVNATDKWGDTPLHLAASQ
GHLEIVEVLLKAGADVNATDFTGNTPLHLAAYIGHLEIVEVLLKHGADVNAQDKFGKTPFDLAIDNGNEDIAEVLQKAA
;
B,D
#
# COMPACT_ATOMS: atom_id res chain seq x y z
N ALA A 5 21.39 22.18 -11.15
CA ALA A 5 20.49 22.04 -12.33
C ALA A 5 19.86 20.63 -12.32
N ILE A 6 18.54 20.60 -12.16
CA ILE A 6 17.63 19.41 -12.23
C ILE A 6 17.10 19.26 -13.65
N PRO A 7 17.05 18.03 -14.23
CA PRO A 7 16.48 17.88 -15.56
C PRO A 7 15.01 18.27 -15.53
N SER A 8 14.55 19.02 -16.52
CA SER A 8 13.13 19.42 -16.62
C SER A 8 12.29 18.17 -16.93
N ASN A 9 11.13 18.06 -16.33
CA ASN A 9 10.17 17.00 -16.69
C ASN A 9 8.97 17.62 -17.38
N THR A 10 9.03 18.87 -17.82
CA THR A 10 7.83 19.55 -18.32
C THR A 10 7.48 18.98 -19.68
N ASP A 11 6.21 18.57 -19.90
CA ASP A 11 5.78 18.16 -21.26
C ASP A 11 5.90 19.35 -22.24
N TYR A 12 6.40 19.10 -23.42
CA TYR A 12 6.62 20.14 -24.46
C TYR A 12 6.39 19.54 -25.82
N PRO A 13 5.22 19.77 -26.44
CA PRO A 13 4.94 19.15 -27.76
C PRO A 13 5.91 19.62 -28.87
N GLY A 14 6.22 20.90 -28.81
CA GLY A 14 7.15 21.53 -29.73
C GLY A 14 6.63 21.56 -31.15
N PRO A 15 7.46 22.10 -32.10
CA PRO A 15 7.02 22.40 -33.46
C PRO A 15 6.72 21.15 -34.29
N HIS A 16 7.16 19.98 -33.86
CA HIS A 16 6.90 18.67 -34.55
C HIS A 16 5.78 17.89 -33.87
N SER A 17 5.13 18.44 -32.85
CA SER A 17 4.02 17.77 -32.11
C SER A 17 4.49 16.40 -31.62
N PHE A 18 5.61 16.38 -30.92
CA PHE A 18 6.24 15.16 -30.40
C PHE A 18 5.33 14.50 -29.37
N ASP A 19 5.08 13.20 -29.52
CA ASP A 19 4.25 12.47 -28.53
C ASP A 19 4.76 11.06 -28.34
N VAL A 20 4.53 10.55 -27.16
CA VAL A 20 5.03 9.22 -26.74
C VAL A 20 3.82 8.44 -26.34
N SER A 21 3.68 7.24 -26.87
CA SER A 21 2.53 6.38 -26.54
C SER A 21 2.96 4.90 -26.46
N PHE A 22 2.02 4.05 -26.08
CA PHE A 22 2.26 2.62 -25.86
C PHE A 22 1.19 1.79 -26.54
N GLN A 23 1.59 0.69 -27.13
CA GLN A 23 0.62 -0.29 -27.72
C GLN A 23 -0.23 -0.88 -26.59
N GLN A 24 -1.38 -1.46 -26.95
CA GLN A 24 -2.42 -1.84 -25.98
C GLN A 24 -1.90 -2.98 -25.10
N SER A 25 -1.00 -3.83 -25.58
CA SER A 25 -0.42 -4.87 -24.71
C SER A 25 0.88 -5.40 -25.27
N SER A 26 1.62 -6.07 -24.42
CA SER A 26 2.91 -6.72 -24.77
C SER A 26 2.64 -7.71 -25.90
N THR A 27 3.51 -7.85 -26.90
CA THR A 27 3.38 -8.96 -27.88
C THR A 27 4.21 -10.16 -27.38
N ALA A 28 4.80 -10.07 -26.17
CA ALA A 28 5.37 -11.24 -25.46
C ALA A 28 4.26 -12.27 -25.11
N LYS A 29 4.68 -13.44 -24.68
CA LYS A 29 3.75 -14.55 -24.30
C LYS A 29 3.21 -14.30 -22.88
N SER A 30 3.58 -13.17 -22.28
CA SER A 30 3.09 -12.79 -20.94
C SER A 30 3.19 -11.29 -20.82
N ALA A 31 2.55 -10.74 -19.79
CA ALA A 31 2.49 -9.29 -19.54
C ALA A 31 3.87 -8.85 -19.03
N THR A 32 4.90 -8.92 -19.89
CA THR A 32 6.25 -8.50 -19.48
C THR A 32 6.23 -6.99 -19.16
N TRP A 33 5.27 -6.25 -19.74
CA TRP A 33 5.05 -4.84 -19.46
C TRP A 33 3.58 -4.56 -19.64
N THR A 34 3.11 -3.47 -19.04
CA THR A 34 1.78 -2.94 -19.32
C THR A 34 1.82 -1.45 -19.03
N TYR A 35 1.00 -0.68 -19.74
CA TYR A 35 0.99 0.79 -19.58
C TYR A 35 -0.35 1.26 -19.08
N SER A 36 -0.34 2.02 -17.98
CA SER A 36 -1.54 2.70 -17.44
C SER A 36 -1.71 4.05 -18.15
N THR A 37 -2.77 4.19 -18.96
CA THR A 37 -3.10 5.49 -19.57
C THR A 37 -3.71 6.38 -18.48
N GLU A 38 -4.39 5.82 -17.51
CA GLU A 38 -4.98 6.60 -16.38
C GLU A 38 -3.84 7.25 -15.59
N LEU A 39 -2.75 6.54 -15.30
CA LEU A 39 -1.67 7.04 -14.41
C LEU A 39 -0.45 7.52 -15.22
N LYS A 40 -0.44 7.30 -16.52
CA LYS A 40 0.75 7.60 -17.40
C LYS A 40 1.96 6.96 -16.77
N LYS A 41 1.85 5.65 -16.60
CA LYS A 41 2.82 4.86 -15.84
C LYS A 41 3.04 3.54 -16.53
N LEU A 42 4.31 3.27 -16.89
CA LEU A 42 4.77 1.98 -17.41
C LEU A 42 5.11 1.06 -16.24
N TYR A 43 4.67 -0.16 -16.36
CA TYR A 43 5.00 -1.25 -15.42
C TYR A 43 5.74 -2.32 -16.21
N CYS A 44 6.91 -2.74 -15.78
CA CYS A 44 7.65 -3.78 -16.52
C CYS A 44 8.44 -4.69 -15.59
N GLN A 45 8.74 -5.86 -16.08
CA GLN A 45 9.71 -6.77 -15.45
C GLN A 45 11.14 -6.40 -15.91
N ILE A 46 12.09 -6.61 -15.00
CA ILE A 46 13.53 -6.31 -15.20
C ILE A 46 14.03 -6.90 -16.50
N ALA A 47 14.67 -6.06 -17.32
CA ALA A 47 15.36 -6.41 -18.58
C ALA A 47 14.43 -6.85 -19.70
N LYS A 48 13.14 -6.82 -19.56
CA LYS A 48 12.23 -7.21 -20.66
C LYS A 48 12.16 -6.09 -21.69
N THR A 49 11.83 -6.46 -22.90
CA THR A 49 11.62 -5.51 -24.01
C THR A 49 10.40 -4.65 -23.71
N CYS A 50 10.56 -3.34 -23.76
CA CYS A 50 9.46 -2.34 -23.63
C CYS A 50 9.42 -1.47 -24.87
N PRO A 51 8.52 -1.72 -25.83
CA PRO A 51 8.43 -0.90 -27.04
C PRO A 51 7.73 0.42 -26.72
N ILE A 52 8.36 1.53 -27.07
CA ILE A 52 7.71 2.83 -26.88
C ILE A 52 7.51 3.46 -28.26
N GLN A 53 6.34 4.01 -28.50
CA GLN A 53 5.94 4.60 -29.81
C GLN A 53 6.18 6.11 -29.82
N ILE A 54 6.94 6.58 -30.79
CA ILE A 54 7.20 8.03 -30.99
C ILE A 54 6.37 8.47 -32.19
N LYS A 55 5.66 9.56 -32.06
CA LYS A 55 4.91 10.19 -33.16
C LYS A 55 5.33 11.67 -33.30
N VAL A 56 5.49 12.10 -34.53
CA VAL A 56 5.67 13.54 -34.87
C VAL A 56 4.70 13.87 -35.99
N MET A 57 4.33 15.13 -36.12
CA MET A 57 3.38 15.55 -37.19
C MET A 57 4.16 16.18 -38.35
N THR A 58 5.42 16.62 -38.14
CA THR A 58 6.32 17.16 -39.19
C THR A 58 7.73 16.58 -38.93
N PRO A 59 8.50 16.25 -39.97
CA PRO A 59 9.82 15.65 -39.79
C PRO A 59 10.71 16.54 -38.95
N PRO A 60 11.36 15.97 -37.93
CA PRO A 60 12.46 16.65 -37.23
C PRO A 60 13.58 16.98 -38.21
N PRO A 61 14.48 17.88 -37.83
CA PRO A 61 15.63 18.21 -38.66
C PRO A 61 16.57 17.00 -38.83
N GLN A 62 17.40 17.06 -39.85
CA GLN A 62 18.56 16.14 -40.02
C GLN A 62 19.35 16.06 -38.73
N GLY A 63 19.72 14.88 -38.31
CA GLY A 63 20.60 14.70 -37.14
C GLY A 63 19.82 14.68 -35.82
N ALA A 64 18.50 14.76 -35.82
CA ALA A 64 17.74 14.74 -34.56
C ALA A 64 17.97 13.40 -33.84
N VAL A 65 17.90 13.42 -32.52
CA VAL A 65 18.04 12.23 -31.66
C VAL A 65 16.88 12.20 -30.66
N ILE A 66 16.66 11.02 -30.12
CA ILE A 66 15.72 10.78 -29.02
C ILE A 66 16.52 10.33 -27.81
N ARG A 67 16.43 11.08 -26.71
CA ARG A 67 17.08 10.77 -25.45
C ARG A 67 16.04 10.15 -24.49
N ALA A 68 16.49 9.22 -23.67
CA ALA A 68 15.71 8.71 -22.54
C ALA A 68 16.57 8.83 -21.33
N MET A 69 16.06 9.50 -20.31
CA MET A 69 16.78 9.75 -19.05
C MET A 69 15.87 9.45 -17.88
N PRO A 70 16.27 8.63 -16.89
CA PRO A 70 15.47 8.43 -15.68
C PRO A 70 15.78 9.51 -14.66
N VAL A 71 14.78 9.96 -13.93
CA VAL A 71 14.96 10.92 -12.82
C VAL A 71 14.06 10.48 -11.68
N TYR A 72 14.44 10.78 -10.45
CA TYR A 72 13.52 10.51 -9.31
C TYR A 72 12.33 11.46 -9.43
N LYS A 73 11.14 10.93 -9.06
CA LYS A 73 9.87 11.67 -9.18
C LYS A 73 9.77 12.70 -8.03
N LYS A 74 10.19 12.37 -6.84
CA LYS A 74 9.91 13.22 -5.65
C LYS A 74 10.98 14.30 -5.53
N ALA A 75 10.57 15.53 -5.22
CA ALA A 75 11.45 16.72 -5.07
C ALA A 75 12.63 16.40 -4.14
N GLU A 76 12.42 15.64 -3.06
CA GLU A 76 13.46 15.31 -2.05
C GLU A 76 14.52 14.37 -2.65
N HIS A 77 14.25 13.72 -3.79
CA HIS A 77 15.22 12.77 -4.43
C HIS A 77 15.76 13.31 -5.76
N VAL A 78 15.14 14.32 -6.34
CA VAL A 78 15.34 14.60 -7.80
C VAL A 78 16.83 14.94 -8.10
N THR A 79 17.59 15.47 -7.12
CA THR A 79 19.02 15.84 -7.36
C THR A 79 19.90 14.60 -7.43
N GLU A 80 19.43 13.42 -7.04
CA GLU A 80 20.25 12.18 -7.05
C GLU A 80 20.18 11.53 -8.44
N VAL A 81 21.33 11.18 -9.01
CA VAL A 81 21.35 10.49 -10.33
C VAL A 81 20.78 9.08 -10.18
N VAL A 82 19.86 8.71 -11.08
CA VAL A 82 19.23 7.37 -11.10
C VAL A 82 20.18 6.44 -11.86
N LYS A 83 20.67 5.41 -11.20
CA LYS A 83 21.46 4.34 -11.85
C LYS A 83 21.12 2.98 -11.27
N ARG A 84 21.68 1.95 -11.86
CA ARG A 84 21.50 0.56 -11.36
C ARG A 84 22.13 0.44 -10.00
N CYS A 85 21.56 -0.41 -9.15
CA CYS A 85 22.14 -0.77 -7.85
C CYS A 85 23.45 -1.48 -8.12
N PRO A 86 24.42 -1.43 -7.20
CA PRO A 86 25.68 -2.17 -7.39
C PRO A 86 25.51 -3.65 -7.70
N ASN A 87 24.60 -4.33 -7.01
CA ASN A 87 24.37 -5.79 -7.20
CA ASN A 87 24.35 -5.78 -7.22
C ASN A 87 24.05 -6.04 -8.69
N HIS A 88 23.12 -5.29 -9.30
CA HIS A 88 22.79 -5.50 -10.76
C HIS A 88 23.97 -5.03 -11.62
N GLU A 89 24.61 -3.91 -11.25
CA GLU A 89 25.75 -3.37 -12.02
C GLU A 89 26.84 -4.46 -12.15
N LEU A 90 27.08 -5.23 -11.09
CA LEU A 90 28.28 -6.07 -10.99
C LEU A 90 27.89 -7.52 -11.28
N SER A 91 26.59 -7.83 -11.40
CA SER A 91 26.05 -9.17 -11.75
C SER A 91 26.63 -9.61 -13.11
N ARG A 92 26.69 -10.90 -13.38
CA ARG A 92 27.00 -11.29 -14.78
C ARG A 92 25.69 -11.36 -15.56
N GLU A 93 24.55 -11.55 -14.90
CA GLU A 93 23.24 -11.58 -15.60
C GLU A 93 23.06 -10.25 -16.37
N PHE A 94 22.76 -10.37 -17.67
CA PHE A 94 22.46 -9.23 -18.59
C PHE A 94 23.70 -8.37 -18.85
N ASN A 95 24.87 -8.74 -18.32
CA ASN A 95 26.04 -7.84 -18.37
C ASN A 95 27.13 -8.45 -19.24
N GLU A 96 26.81 -9.44 -20.07
CA GLU A 96 27.69 -9.97 -21.14
C GLU A 96 28.27 -8.79 -21.93
N GLY A 97 29.40 -9.02 -22.60
CA GLY A 97 30.23 -7.97 -23.24
C GLY A 97 29.45 -7.17 -24.28
N GLN A 98 29.21 -5.89 -24.01
CA GLN A 98 28.17 -5.11 -24.73
C GLN A 98 28.43 -3.61 -24.63
N ILE A 99 27.67 -2.81 -25.35
CA ILE A 99 27.97 -1.35 -25.48
C ILE A 99 27.44 -0.63 -24.23
N ALA A 100 26.29 -1.06 -23.68
CA ALA A 100 25.69 -0.37 -22.52
C ALA A 100 26.64 -0.49 -21.34
N PRO A 101 27.06 0.62 -20.72
CA PRO A 101 27.80 0.51 -19.48
C PRO A 101 26.89 -0.13 -18.42
N PRO A 102 27.45 -0.97 -17.55
CA PRO A 102 26.64 -1.75 -16.63
C PRO A 102 25.98 -0.93 -15.51
N SER A 103 26.32 0.35 -15.32
CA SER A 103 25.64 1.20 -14.31
C SER A 103 24.30 1.75 -14.85
N HIS A 104 24.09 1.75 -16.16
CA HIS A 104 22.93 2.49 -16.77
C HIS A 104 21.64 1.72 -16.53
N LEU A 105 20.62 2.41 -16.04
CA LEU A 105 19.30 1.82 -15.81
C LEU A 105 18.63 1.55 -17.18
N ILE A 106 18.63 2.52 -18.09
CA ILE A 106 17.89 2.41 -19.35
C ILE A 106 18.83 1.92 -20.43
N ARG A 107 18.44 0.87 -21.12
CA ARG A 107 19.15 0.46 -22.37
C ARG A 107 18.19 0.55 -23.54
N VAL A 108 18.76 0.62 -24.72
CA VAL A 108 18.06 0.38 -25.96
C VAL A 108 18.41 -0.98 -26.48
N GLU A 109 17.41 -1.65 -26.96
CA GLU A 109 17.54 -2.99 -27.55
C GLU A 109 17.48 -2.83 -29.05
N GLY A 110 18.36 -3.52 -29.78
CA GLY A 110 18.19 -3.72 -31.21
C GLY A 110 18.59 -2.51 -32.04
N ASN A 111 19.44 -1.63 -31.51
CA ASN A 111 19.94 -0.47 -32.27
C ASN A 111 21.46 -0.36 -32.06
N SER A 112 22.25 -0.65 -33.09
CA SER A 112 23.73 -0.52 -33.03
C SER A 112 24.17 0.93 -32.85
N HIS A 113 23.31 1.91 -33.16
CA HIS A 113 23.65 3.34 -33.06
C HIS A 113 23.08 3.95 -31.80
N ALA A 114 22.62 3.15 -30.84
CA ALA A 114 22.23 3.69 -29.50
C ALA A 114 23.51 4.15 -28.81
N GLN A 115 23.46 5.27 -28.12
CA GLN A 115 24.62 5.88 -27.48
C GLN A 115 24.31 6.11 -26.00
N TYR A 116 25.23 5.68 -25.14
CA TYR A 116 25.14 5.79 -23.67
C TYR A 116 25.95 7.00 -23.25
N VAL A 117 25.29 7.90 -22.55
CA VAL A 117 25.83 9.23 -22.23
C VAL A 117 25.95 9.35 -20.73
N GLU A 118 27.08 9.85 -20.26
CA GLU A 118 27.17 10.31 -18.86
C GLU A 118 27.77 11.70 -18.87
N ASP A 119 26.99 12.68 -18.44
CA ASP A 119 27.44 14.08 -18.49
C ASP A 119 28.58 14.20 -17.49
N PRO A 120 29.74 14.73 -17.91
CA PRO A 120 30.91 14.72 -17.04
C PRO A 120 30.77 15.75 -15.90
N ILE A 121 29.85 16.70 -16.00
CA ILE A 121 29.60 17.69 -14.90
C ILE A 121 28.46 17.20 -13.99
N THR A 122 27.29 16.85 -14.56
CA THR A 122 26.07 16.51 -13.74
C THR A 122 26.11 15.05 -13.29
N GLY A 123 26.90 14.21 -13.99
CA GLY A 123 26.92 12.76 -13.76
C GLY A 123 25.62 12.10 -14.25
N ARG A 124 24.71 12.85 -14.88
CA ARG A 124 23.45 12.24 -15.39
C ARG A 124 23.75 11.23 -16.48
N GLN A 125 23.06 10.11 -16.44
CA GLN A 125 23.19 9.02 -17.44
C GLN A 125 21.93 8.98 -18.27
N SER A 126 22.07 8.81 -19.57
CA SER A 126 20.93 8.69 -20.49
C SER A 126 21.33 7.88 -21.71
N VAL A 127 20.36 7.57 -22.53
CA VAL A 127 20.63 6.80 -23.74
C VAL A 127 19.95 7.50 -24.91
N LEU A 128 20.70 7.64 -25.99
CA LEU A 128 20.23 8.25 -27.24
C LEU A 128 19.98 7.17 -28.29
N VAL A 129 19.08 7.47 -29.24
CA VAL A 129 19.04 6.81 -30.57
C VAL A 129 18.90 7.94 -31.60
N PRO A 130 19.39 7.76 -32.84
CA PRO A 130 19.02 8.64 -33.92
C PRO A 130 17.49 8.58 -34.14
N TYR A 131 16.90 9.73 -34.37
CA TYR A 131 15.52 9.77 -34.85
C TYR A 131 15.45 9.11 -36.23
N GLU A 132 14.47 8.25 -36.40
CA GLU A 132 14.13 7.63 -37.70
C GLU A 132 12.65 7.76 -37.93
N PRO A 133 12.18 8.08 -39.14
CA PRO A 133 10.74 8.12 -39.39
C PRO A 133 10.15 6.72 -39.32
N PRO A 134 8.83 6.60 -39.20
CA PRO A 134 8.19 5.30 -39.23
C PRO A 134 8.52 4.59 -40.56
N GLN A 135 8.59 3.27 -40.51
CA GLN A 135 8.55 2.42 -41.73
C GLN A 135 7.28 2.76 -42.53
N VAL A 136 7.36 2.70 -43.86
CA VAL A 136 6.27 3.14 -44.79
C VAL A 136 4.96 2.50 -44.34
N GLY A 137 3.90 3.32 -44.23
CA GLY A 137 2.53 2.88 -43.91
C GLY A 137 2.33 2.54 -42.45
N THR A 138 3.25 2.94 -41.54
CA THR A 138 3.03 2.88 -40.06
C THR A 138 2.97 4.30 -39.51
N GLU A 139 2.40 4.49 -38.32
CA GLU A 139 2.13 5.83 -37.71
C GLU A 139 3.30 6.23 -36.80
N PHE A 140 4.02 5.25 -36.28
CA PHE A 140 4.90 5.42 -35.12
C PHE A 140 6.31 4.98 -35.46
N THR A 141 7.27 5.62 -34.81
CA THR A 141 8.66 5.11 -34.67
C THR A 141 8.73 4.32 -33.38
N THR A 142 9.14 3.06 -33.45
CA THR A 142 9.24 2.24 -32.23
C THR A 142 10.68 2.29 -31.71
N VAL A 143 10.86 2.59 -30.45
CA VAL A 143 12.15 2.39 -29.78
C VAL A 143 11.97 1.31 -28.73
N LEU A 144 12.87 0.34 -28.70
CA LEU A 144 12.80 -0.75 -27.70
C LEU A 144 13.71 -0.39 -26.53
N TYR A 145 13.14 -0.26 -25.34
CA TYR A 145 13.90 0.02 -24.12
C TYR A 145 13.92 -1.21 -23.24
N ASN A 146 14.96 -1.32 -22.42
CA ASN A 146 15.05 -2.31 -21.32
C ASN A 146 15.40 -1.55 -20.04
N PHE A 147 14.76 -1.88 -18.93
CA PHE A 147 14.98 -1.19 -17.64
C PHE A 147 15.63 -2.19 -16.69
N MET A 148 16.83 -1.89 -16.23
CA MET A 148 17.80 -2.96 -15.85
C MET A 148 17.94 -3.12 -14.34
N CYS A 149 17.03 -2.56 -13.57
CA CYS A 149 16.97 -2.77 -12.09
CA CYS A 149 17.00 -2.71 -12.11
C CYS A 149 15.53 -2.68 -11.65
N ASN A 150 15.20 -3.35 -10.55
CA ASN A 150 13.86 -3.28 -9.93
C ASN A 150 13.74 -1.97 -9.18
N SER A 151 12.57 -1.39 -9.17
CA SER A 151 12.24 -0.19 -8.36
C SER A 151 12.59 -0.45 -6.88
N SER A 152 12.45 -1.70 -6.41
CA SER A 152 12.64 -2.07 -4.99
C SER A 152 14.12 -2.20 -4.64
N CYS A 153 15.04 -2.22 -5.60
CA CYS A 153 16.45 -2.60 -5.31
C CYS A 153 17.03 -1.70 -4.22
N VAL A 154 17.40 -2.26 -3.04
CA VAL A 154 17.83 -1.45 -1.87
C VAL A 154 19.09 -0.61 -2.18
N GLY A 155 20.04 -1.10 -2.99
CA GLY A 155 21.26 -0.30 -3.25
C GLY A 155 21.07 0.76 -4.32
N GLY A 156 19.88 0.88 -4.90
CA GLY A 156 19.59 1.80 -6.03
C GLY A 156 18.37 2.64 -5.79
N MET A 157 17.36 2.45 -6.63
CA MET A 157 16.12 3.21 -6.53
C MET A 157 15.49 3.03 -5.14
N ASN A 158 15.61 1.86 -4.56
CA ASN A 158 15.23 1.63 -3.14
C ASN A 158 13.78 2.09 -2.90
N ARG A 159 12.88 1.68 -3.77
CA ARG A 159 11.41 1.89 -3.66
C ARG A 159 11.04 3.33 -3.92
N ARG A 160 11.94 4.17 -4.40
CA ARG A 160 11.59 5.55 -4.81
C ARG A 160 11.09 5.54 -6.24
N PRO A 161 10.02 6.28 -6.53
CA PRO A 161 9.46 6.31 -7.89
C PRO A 161 10.31 7.12 -8.85
N ILE A 162 10.32 6.73 -10.11
CA ILE A 162 11.11 7.43 -11.15
C ILE A 162 10.18 7.84 -12.29
N LEU A 163 10.62 8.87 -13.02
CA LEU A 163 10.05 9.31 -14.29
C LEU A 163 11.08 9.03 -15.38
N ILE A 164 10.59 8.67 -16.54
CA ILE A 164 11.43 8.57 -17.76
C ILE A 164 11.12 9.82 -18.57
N ILE A 165 12.15 10.62 -18.82
CA ILE A 165 12.02 11.81 -19.64
C ILE A 165 12.50 11.45 -21.02
N VAL A 166 11.65 11.64 -22.01
CA VAL A 166 11.97 11.31 -23.43
C VAL A 166 12.07 12.64 -24.13
N THR A 167 13.22 12.95 -24.67
CA THR A 167 13.43 14.26 -25.30
C THR A 167 13.78 14.06 -26.75
N LEU A 168 13.12 14.80 -27.65
CA LEU A 168 13.54 14.96 -29.03
C LEU A 168 14.49 16.16 -29.10
N GLU A 169 15.70 15.95 -29.62
CA GLU A 169 16.75 17.01 -29.63
C GLU A 169 17.35 17.15 -31.01
N THR A 170 17.79 18.34 -31.34
CA THR A 170 18.69 18.56 -32.48
C THR A 170 19.99 17.81 -32.24
N ARG A 171 20.78 17.69 -33.28
CA ARG A 171 22.13 17.12 -33.21
C ARG A 171 22.95 17.84 -32.12
N ASP A 172 22.81 19.14 -32.02
CA ASP A 172 23.63 20.01 -31.14
C ASP A 172 22.98 20.13 -29.74
N GLY A 173 21.85 19.46 -29.47
CA GLY A 173 21.32 19.29 -28.11
C GLY A 173 20.26 20.31 -27.73
N GLN A 174 19.69 21.01 -28.70
CA GLN A 174 18.52 21.89 -28.49
C GLN A 174 17.26 21.05 -28.34
N VAL A 175 16.41 21.42 -27.39
CA VAL A 175 15.17 20.65 -27.10
C VAL A 175 14.17 20.94 -28.22
N LEU A 176 13.66 19.89 -28.88
CA LEU A 176 12.57 20.04 -29.88
C LEU A 176 11.22 19.59 -29.32
N GLY A 177 11.25 18.71 -28.33
CA GLY A 177 10.02 18.16 -27.75
C GLY A 177 10.38 17.35 -26.54
N ARG A 178 9.43 17.14 -25.66
CA ARG A 178 9.69 16.38 -24.43
C ARG A 178 8.40 15.75 -23.95
N ARG A 179 8.45 14.48 -23.60
CA ARG A 179 7.33 13.80 -22.91
C ARG A 179 7.87 13.02 -21.75
N CYS A 180 7.07 12.87 -20.70
N CYS A 180 7.09 12.90 -20.67
CA CYS A 180 7.50 12.20 -19.46
CA CYS A 180 7.52 12.16 -19.47
C CYS A 180 6.43 11.18 -19.05
C CYS A 180 6.44 11.17 -19.06
N PHE A 181 6.82 10.00 -18.59
CA PHE A 181 5.90 9.01 -17.96
C PHE A 181 6.59 8.44 -16.75
N GLU A 182 5.82 7.92 -15.81
CA GLU A 182 6.39 7.29 -14.65
C GLU A 182 6.70 5.85 -15.03
N ALA A 183 7.73 5.23 -14.42
CA ALA A 183 8.06 3.84 -14.65
C ALA A 183 8.19 3.12 -13.32
N ARG A 184 7.72 1.90 -13.28
CA ARG A 184 7.97 1.02 -12.14
CA ARG A 184 7.95 1.01 -12.13
C ARG A 184 8.46 -0.32 -12.66
N ILE A 185 9.61 -0.75 -12.18
CA ILE A 185 10.14 -2.08 -12.54
C ILE A 185 9.81 -2.99 -11.37
N CYS A 186 8.95 -3.95 -11.59
CA CYS A 186 8.25 -4.67 -10.51
C CYS A 186 8.07 -6.13 -10.86
N ALA A 187 7.62 -6.91 -9.90
CA ALA A 187 7.56 -8.38 -10.03
C ALA A 187 6.42 -8.75 -10.95
N CYS A 188 5.32 -8.01 -10.89
CA CYS A 188 4.05 -8.45 -11.51
C CYS A 188 3.33 -7.26 -12.13
N PRO A 189 3.76 -6.82 -13.34
CA PRO A 189 3.19 -5.63 -13.97
C PRO A 189 1.64 -5.57 -14.00
N GLY A 190 1.01 -6.67 -14.39
CA GLY A 190 -0.46 -6.70 -14.54
C GLY A 190 -1.14 -6.37 -13.22
N ARG A 191 -0.72 -7.02 -12.12
CA ARG A 191 -1.28 -6.74 -10.79
C ARG A 191 -0.93 -5.32 -10.35
N ASP A 192 0.33 -4.92 -10.47
CA ASP A 192 0.78 -3.60 -9.97
C ASP A 192 0.00 -2.49 -10.63
N ARG A 193 -0.27 -2.61 -11.92
CA ARG A 193 -1.06 -1.58 -12.65
C ARG A 193 -2.47 -1.49 -12.03
N LYS A 194 -3.16 -2.62 -11.94
CA LYS A 194 -4.53 -2.60 -11.37
C LYS A 194 -4.47 -2.08 -9.93
N ALA A 195 -3.53 -2.57 -9.11
CA ALA A 195 -3.46 -2.17 -7.68
C ALA A 195 -3.26 -0.66 -7.63
N ASP A 196 -2.37 -0.11 -8.47
CA ASP A 196 -2.08 1.35 -8.41
C ASP A 196 -3.30 2.14 -8.85
N GLU A 197 -3.95 1.71 -9.92
CA GLU A 197 -5.18 2.38 -10.42
C GLU A 197 -6.25 2.33 -9.32
N ASP A 198 -6.38 1.18 -8.63
CA ASP A 198 -7.34 0.99 -7.52
C ASP A 198 -7.09 2.02 -6.41
N SER A 199 -5.83 2.35 -6.15
CA SER A 199 -5.40 3.16 -5.00
C SER A 199 -5.74 4.62 -5.25
N ILE A 200 -5.98 5.01 -6.52
CA ILE A 200 -6.30 6.40 -6.99
C ILE A 200 -7.61 6.35 -7.78
N ASP B 3 21.68 -14.91 4.22
CA ASP B 3 20.23 -15.17 4.57
C ASP B 3 19.61 -16.05 3.48
N LEU B 4 19.31 -17.31 3.83
CA LEU B 4 18.84 -18.29 2.83
C LEU B 4 17.45 -17.88 2.28
N GLY B 5 16.59 -17.27 3.10
CA GLY B 5 15.27 -16.80 2.65
C GLY B 5 15.41 -15.81 1.51
N LYS B 6 16.25 -14.80 1.70
CA LYS B 6 16.50 -13.75 0.69
C LYS B 6 17.03 -14.37 -0.59
N LYS B 7 17.95 -15.32 -0.49
CA LYS B 7 18.52 -15.99 -1.67
C LYS B 7 17.42 -16.78 -2.38
N LEU B 8 16.56 -17.44 -1.62
CA LEU B 8 15.49 -18.28 -2.23
C LEU B 8 14.51 -17.37 -2.98
N LEU B 9 14.09 -16.28 -2.37
CA LEU B 9 13.20 -15.31 -3.06
C LEU B 9 13.84 -14.93 -4.40
N GLU B 10 15.10 -14.57 -4.40
CA GLU B 10 15.75 -14.07 -5.65
C GLU B 10 15.82 -15.23 -6.66
N ALA B 11 16.23 -16.44 -6.25
CA ALA B 11 16.41 -17.56 -7.18
C ALA B 11 15.07 -17.91 -7.82
N ALA B 12 13.99 -17.86 -7.04
CA ALA B 12 12.63 -18.18 -7.53
C ALA B 12 12.21 -17.12 -8.54
N GLN B 13 12.50 -15.85 -8.29
CA GLN B 13 12.06 -14.75 -9.18
C GLN B 13 12.82 -14.86 -10.50
N ILE B 14 14.12 -15.12 -10.47
CA ILE B 14 14.94 -14.94 -11.70
C ILE B 14 14.99 -16.26 -12.44
N GLY B 15 14.50 -17.36 -11.84
CA GLY B 15 14.33 -18.64 -12.59
C GLY B 15 15.49 -19.63 -12.42
N GLN B 16 16.23 -19.54 -11.32
CA GLN B 16 17.36 -20.47 -11.01
C GLN B 16 16.85 -21.72 -10.30
N LEU B 17 16.43 -22.73 -11.07
CA LEU B 17 15.78 -23.94 -10.52
C LEU B 17 16.79 -24.71 -9.67
N ASP B 18 18.02 -24.86 -10.14
CA ASP B 18 19.02 -25.66 -9.39
C ASP B 18 19.30 -24.97 -8.05
N GLU B 19 19.43 -23.68 -8.07
CA GLU B 19 19.68 -22.91 -6.84
C GLU B 19 18.47 -23.01 -5.91
N VAL B 20 17.24 -22.97 -6.44
CA VAL B 20 16.06 -23.16 -5.56
C VAL B 20 16.18 -24.50 -4.81
N ARG B 21 16.42 -25.58 -5.54
CA ARG B 21 16.56 -26.93 -4.96
C ARG B 21 17.69 -26.96 -3.92
N ILE B 22 18.83 -26.36 -4.19
CA ILE B 22 19.99 -26.36 -3.25
C ILE B 22 19.63 -25.57 -1.99
N LEU B 23 19.02 -24.39 -2.13
CA LEU B 23 18.67 -23.55 -0.96
C LEU B 23 17.67 -24.29 -0.07
N MET B 24 16.69 -24.96 -0.63
CA MET B 24 15.68 -25.65 0.19
C MET B 24 16.34 -26.84 0.89
N ALA B 25 17.24 -27.54 0.22
CA ALA B 25 18.00 -28.66 0.84
C ALA B 25 18.80 -28.11 2.03
N ASN B 26 19.29 -26.88 1.95
CA ASN B 26 20.07 -26.24 3.04
C ASN B 26 19.16 -25.59 4.09
N GLY B 27 17.85 -25.74 3.96
CA GLY B 27 16.87 -25.32 5.00
C GLY B 27 16.27 -23.95 4.76
N ALA B 28 16.41 -23.37 3.56
CA ALA B 28 15.71 -22.12 3.21
C ALA B 28 14.23 -22.27 3.49
N ASP B 29 13.62 -21.26 4.12
CA ASP B 29 12.16 -21.29 4.43
C ASP B 29 11.39 -21.13 3.11
N VAL B 30 10.70 -22.16 2.70
CA VAL B 30 9.98 -22.18 1.40
C VAL B 30 8.88 -21.09 1.39
N ASN B 31 8.46 -20.66 2.58
CA ASN B 31 7.40 -19.61 2.79
C ASN B 31 8.02 -18.30 3.28
N ALA B 32 9.32 -18.07 3.06
CA ALA B 32 9.97 -16.75 3.34
C ALA B 32 9.18 -15.66 2.66
N SER B 33 9.09 -14.47 3.26
CA SER B 33 8.39 -13.33 2.61
C SER B 33 9.31 -12.11 2.66
N ASP B 34 9.23 -11.27 1.65
CA ASP B 34 9.94 -9.97 1.67
C ASP B 34 9.03 -8.95 2.38
N THR B 35 9.38 -7.64 2.38
CA THR B 35 8.58 -6.62 3.14
C THR B 35 7.32 -6.25 2.38
N ASP B 36 7.13 -6.76 1.16
CA ASP B 36 5.86 -6.63 0.42
C ASP B 36 5.01 -7.87 0.57
N GLY B 37 5.47 -8.87 1.34
CA GLY B 37 4.78 -10.14 1.63
C GLY B 37 4.85 -11.12 0.47
N LEU B 38 5.72 -10.85 -0.52
CA LEU B 38 5.91 -11.78 -1.63
C LEU B 38 6.75 -12.98 -1.17
N THR B 39 6.26 -14.18 -1.51
CA THR B 39 6.92 -15.46 -1.19
C THR B 39 7.60 -15.99 -2.43
N PRO B 40 8.49 -16.98 -2.31
CA PRO B 40 9.07 -17.58 -3.50
C PRO B 40 7.99 -18.01 -4.51
N LEU B 41 6.88 -18.54 -4.02
CA LEU B 41 5.80 -19.04 -4.93
C LEU B 41 5.17 -17.86 -5.66
N HIS B 42 4.92 -16.71 -4.98
CA HIS B 42 4.44 -15.48 -5.63
C HIS B 42 5.42 -15.14 -6.76
N LEU B 43 6.71 -15.16 -6.47
CA LEU B 43 7.71 -14.58 -7.39
C LEU B 43 7.85 -15.50 -8.60
N ALA B 44 7.93 -16.80 -8.40
CA ALA B 44 8.02 -17.75 -9.50
C ALA B 44 6.74 -17.66 -10.33
N ALA B 45 5.58 -17.55 -9.68
CA ALA B 45 4.29 -17.43 -10.39
C ALA B 45 4.26 -16.15 -11.23
N ALA B 46 4.72 -15.01 -10.71
CA ALA B 46 4.69 -13.74 -11.48
C ALA B 46 5.69 -13.82 -12.64
N SER B 47 6.85 -14.39 -12.39
CA SER B 47 7.92 -14.47 -13.41
C SER B 47 7.59 -15.50 -14.48
N GLY B 48 6.86 -16.54 -14.15
CA GLY B 48 6.48 -17.57 -15.13
C GLY B 48 7.36 -18.82 -15.09
N HIS B 49 8.00 -19.12 -13.97
CA HIS B 49 8.92 -20.28 -13.82
C HIS B 49 8.16 -21.51 -13.34
N LEU B 50 7.63 -22.25 -14.29
CA LEU B 50 6.71 -23.38 -14.02
C LEU B 50 7.40 -24.42 -13.12
N GLU B 51 8.58 -24.88 -13.48
CA GLU B 51 9.26 -25.98 -12.76
CA GLU B 51 9.29 -25.97 -12.75
C GLU B 51 9.55 -25.52 -11.32
N ILE B 52 9.87 -24.24 -11.13
CA ILE B 52 10.13 -23.73 -9.77
C ILE B 52 8.82 -23.75 -9.00
N VAL B 53 7.76 -23.26 -9.59
CA VAL B 53 6.44 -23.30 -8.92
C VAL B 53 6.16 -24.75 -8.46
N GLU B 54 6.41 -25.71 -9.34
CA GLU B 54 6.10 -27.13 -9.01
C GLU B 54 6.93 -27.58 -7.82
N VAL B 55 8.22 -27.31 -7.83
CA VAL B 55 9.14 -27.82 -6.78
C VAL B 55 8.88 -27.09 -5.46
N LEU B 56 8.52 -25.82 -5.50
CA LEU B 56 8.12 -25.07 -4.28
C LEU B 56 6.86 -25.73 -3.70
N LEU B 57 5.86 -26.02 -4.52
CA LEU B 57 4.62 -26.63 -4.00
C LEU B 57 4.94 -28.02 -3.44
N LYS B 58 5.79 -28.77 -4.10
CA LYS B 58 6.19 -30.13 -3.61
C LYS B 58 6.91 -30.03 -2.26
N THR B 59 7.59 -28.92 -1.98
CA THR B 59 8.40 -28.76 -0.75
C THR B 59 7.67 -27.91 0.30
N GLY B 60 6.38 -27.68 0.15
CA GLY B 60 5.53 -27.13 1.23
C GLY B 60 5.19 -25.65 1.06
N ALA B 61 5.36 -25.06 -0.11
CA ALA B 61 4.98 -23.64 -0.34
C ALA B 61 3.46 -23.50 -0.12
N ASP B 62 3.05 -22.36 0.47
CA ASP B 62 1.65 -22.06 0.82
C ASP B 62 0.95 -21.47 -0.41
N VAL B 63 0.09 -22.26 -1.03
CA VAL B 63 -0.64 -21.86 -2.27
C VAL B 63 -1.61 -20.71 -1.95
N ASN B 64 -1.95 -20.50 -0.71
CA ASN B 64 -2.98 -19.52 -0.28
C ASN B 64 -2.34 -18.25 0.29
N ALA B 65 -1.01 -18.18 0.36
CA ALA B 65 -0.34 -17.01 0.99
C ALA B 65 -0.81 -15.72 0.24
N THR B 66 -1.05 -14.64 0.98
CA THR B 66 -1.35 -13.32 0.44
C THR B 66 -0.20 -12.37 0.75
N ASP B 67 0.12 -11.53 -0.22
CA ASP B 67 1.13 -10.51 -0.05
C ASP B 67 0.49 -9.26 0.56
N LYS B 68 1.20 -8.13 0.55
CA LYS B 68 0.70 -6.92 1.22
C LYS B 68 -0.47 -6.31 0.45
N TRP B 69 -0.72 -6.70 -0.80
CA TRP B 69 -1.90 -6.27 -1.60
C TRP B 69 -3.09 -7.23 -1.41
N GLY B 70 -2.85 -8.35 -0.73
CA GLY B 70 -3.84 -9.45 -0.55
C GLY B 70 -3.91 -10.40 -1.72
N ASP B 71 -2.93 -10.37 -2.58
CA ASP B 71 -2.88 -11.22 -3.79
C ASP B 71 -2.19 -12.54 -3.47
N THR B 72 -2.73 -13.62 -4.03
CA THR B 72 -2.17 -14.98 -3.93
C THR B 72 -1.26 -15.18 -5.14
N PRO B 73 -0.46 -16.23 -5.16
CA PRO B 73 0.30 -16.56 -6.37
C PRO B 73 -0.61 -16.74 -7.61
N LEU B 74 -1.80 -17.31 -7.45
CA LEU B 74 -2.74 -17.43 -8.60
C LEU B 74 -3.10 -16.03 -9.17
N HIS B 75 -3.36 -15.02 -8.33
CA HIS B 75 -3.58 -13.66 -8.83
C HIS B 75 -2.44 -13.31 -9.76
N LEU B 76 -1.20 -13.52 -9.31
CA LEU B 76 -0.03 -13.02 -10.08
C LEU B 76 0.10 -13.80 -11.39
N ALA B 77 0.02 -15.12 -11.39
CA ALA B 77 0.13 -15.88 -12.64
C ALA B 77 -1.03 -15.49 -13.60
N ALA B 78 -2.22 -15.26 -13.07
CA ALA B 78 -3.42 -14.91 -13.86
C ALA B 78 -3.22 -13.53 -14.51
N SER B 79 -2.60 -12.58 -13.79
CA SER B 79 -2.37 -11.21 -14.25
C SER B 79 -1.30 -11.22 -15.34
N GLN B 80 -0.38 -12.15 -15.27
CA GLN B 80 0.78 -12.21 -16.18
C GLN B 80 0.47 -13.05 -17.43
N GLY B 81 -0.49 -13.98 -17.38
CA GLY B 81 -0.76 -14.90 -18.50
C GLY B 81 0.05 -16.20 -18.49
N HIS B 82 0.47 -16.67 -17.32
CA HIS B 82 1.21 -17.95 -17.17
C HIS B 82 0.23 -19.13 -16.99
N LEU B 83 -0.26 -19.69 -18.10
CA LEU B 83 -1.39 -20.67 -18.13
C LEU B 83 -1.08 -21.92 -17.32
N GLU B 84 0.06 -22.58 -17.57
CA GLU B 84 0.35 -23.88 -16.93
C GLU B 84 0.49 -23.65 -15.41
N ILE B 85 1.07 -22.53 -15.00
CA ILE B 85 1.12 -22.17 -13.56
C ILE B 85 -0.27 -21.97 -12.99
N VAL B 86 -1.15 -21.28 -13.68
CA VAL B 86 -2.54 -21.14 -13.18
C VAL B 86 -3.13 -22.54 -12.96
N GLU B 87 -2.92 -23.45 -13.91
CA GLU B 87 -3.49 -24.82 -13.82
C GLU B 87 -2.93 -25.58 -12.62
N VAL B 88 -1.64 -25.50 -12.40
CA VAL B 88 -0.95 -26.19 -11.31
C VAL B 88 -1.44 -25.62 -9.99
N LEU B 89 -1.57 -24.29 -9.89
CA LEU B 89 -2.01 -23.65 -8.62
C LEU B 89 -3.44 -24.08 -8.27
N LEU B 90 -4.34 -24.12 -9.25
CA LEU B 90 -5.73 -24.54 -9.00
C LEU B 90 -5.73 -26.03 -8.51
N LYS B 91 -4.97 -26.91 -9.12
CA LYS B 91 -4.92 -28.34 -8.72
C LYS B 91 -4.39 -28.44 -7.28
N ALA B 92 -3.51 -27.53 -6.91
CA ALA B 92 -2.79 -27.60 -5.62
C ALA B 92 -3.60 -26.98 -4.48
N GLY B 93 -4.72 -26.33 -4.76
CA GLY B 93 -5.64 -25.87 -3.70
C GLY B 93 -5.91 -24.38 -3.72
N ALA B 94 -5.46 -23.66 -4.73
CA ALA B 94 -5.78 -22.24 -4.85
C ALA B 94 -7.30 -22.06 -4.95
N ASP B 95 -7.81 -21.04 -4.27
CA ASP B 95 -9.19 -20.54 -4.47
C ASP B 95 -9.22 -19.70 -5.76
N VAL B 96 -10.00 -20.14 -6.73
CA VAL B 96 -10.15 -19.48 -8.05
C VAL B 96 -10.66 -18.06 -7.82
N ASN B 97 -11.41 -17.85 -6.74
CA ASN B 97 -12.04 -16.55 -6.41
C ASN B 97 -11.36 -15.86 -5.22
N ALA B 98 -10.12 -16.17 -4.92
CA ALA B 98 -9.35 -15.43 -3.92
C ALA B 98 -9.47 -13.94 -4.24
N THR B 99 -9.78 -13.12 -3.23
CA THR B 99 -10.09 -11.71 -3.42
C THR B 99 -9.02 -10.88 -2.69
N ASP B 100 -8.33 -10.00 -3.39
CA ASP B 100 -7.31 -9.12 -2.79
C ASP B 100 -7.98 -7.91 -2.15
N PHE B 101 -7.17 -7.07 -1.54
CA PHE B 101 -7.66 -6.05 -0.60
C PHE B 101 -8.35 -4.89 -1.32
N THR B 102 -8.30 -4.83 -2.67
CA THR B 102 -9.12 -3.90 -3.48
C THR B 102 -10.13 -4.65 -4.34
N GLY B 103 -10.44 -5.89 -3.95
CA GLY B 103 -11.56 -6.66 -4.46
C GLY B 103 -11.27 -7.38 -5.76
N ASN B 104 -10.02 -7.47 -6.19
CA ASN B 104 -9.72 -8.25 -7.42
C ASN B 104 -9.67 -9.75 -7.14
N THR B 105 -10.31 -10.50 -8.02
CA THR B 105 -10.15 -11.94 -8.19
C THR B 105 -9.13 -12.17 -9.29
N PRO B 106 -8.60 -13.40 -9.43
CA PRO B 106 -7.77 -13.73 -10.59
C PRO B 106 -8.49 -13.43 -11.90
N LEU B 107 -9.79 -13.70 -11.99
CA LEU B 107 -10.56 -13.43 -13.22
C LEU B 107 -10.57 -11.92 -13.53
N HIS B 108 -10.73 -11.04 -12.53
CA HIS B 108 -10.57 -9.58 -12.79
C HIS B 108 -9.25 -9.32 -13.51
N LEU B 109 -8.15 -9.82 -12.95
CA LEU B 109 -6.83 -9.45 -13.47
C LEU B 109 -6.64 -10.03 -14.87
N ALA B 110 -7.00 -11.29 -15.10
CA ALA B 110 -6.90 -11.92 -16.45
C ALA B 110 -7.73 -11.15 -17.45
N ALA B 111 -8.92 -10.75 -17.07
CA ALA B 111 -9.86 -10.11 -17.99
C ALA B 111 -9.31 -8.73 -18.35
N TYR B 112 -8.77 -8.03 -17.34
CA TYR B 112 -8.29 -6.64 -17.51
C TYR B 112 -7.04 -6.62 -18.38
N ILE B 113 -6.06 -7.39 -18.01
CA ILE B 113 -4.79 -7.39 -18.77
C ILE B 113 -5.01 -8.06 -20.15
N GLY B 114 -5.85 -9.10 -20.23
CA GLY B 114 -6.42 -9.65 -21.48
C GLY B 114 -5.84 -11.01 -21.85
N HIS B 115 -5.89 -11.99 -20.94
CA HIS B 115 -5.34 -13.35 -21.12
C HIS B 115 -6.48 -14.31 -21.39
N LEU B 116 -6.84 -14.51 -22.65
CA LEU B 116 -8.09 -15.25 -23.00
C LEU B 116 -8.02 -16.68 -22.45
N GLU B 117 -6.91 -17.39 -22.66
CA GLU B 117 -6.82 -18.83 -22.28
C GLU B 117 -6.96 -18.98 -20.75
N ILE B 118 -6.39 -18.07 -20.01
CA ILE B 118 -6.50 -18.01 -18.53
C ILE B 118 -7.95 -17.77 -18.15
N VAL B 119 -8.59 -16.79 -18.76
CA VAL B 119 -10.04 -16.53 -18.50
C VAL B 119 -10.83 -17.85 -18.68
N GLU B 120 -10.59 -18.57 -19.75
CA GLU B 120 -11.32 -19.86 -20.01
C GLU B 120 -11.06 -20.87 -18.89
N VAL B 121 -9.81 -21.05 -18.48
CA VAL B 121 -9.47 -22.05 -17.43
C VAL B 121 -10.07 -21.61 -16.09
N LEU B 122 -10.00 -20.32 -15.76
CA LEU B 122 -10.59 -19.86 -14.48
C LEU B 122 -12.09 -20.12 -14.50
N LEU B 123 -12.77 -19.87 -15.61
CA LEU B 123 -14.24 -20.09 -15.65
C LEU B 123 -14.55 -21.58 -15.39
N LYS B 124 -13.76 -22.49 -15.94
CA LYS B 124 -13.98 -23.95 -15.82
C LYS B 124 -13.81 -24.38 -14.35
N HIS B 125 -13.12 -23.58 -13.54
CA HIS B 125 -12.88 -23.89 -12.10
C HIS B 125 -13.82 -23.06 -11.20
N GLY B 126 -14.85 -22.43 -11.75
CA GLY B 126 -15.88 -21.75 -10.93
C GLY B 126 -15.54 -20.28 -10.66
N ALA B 127 -14.75 -19.64 -11.53
CA ALA B 127 -14.51 -18.18 -11.40
C ALA B 127 -15.87 -17.43 -11.42
N ASP B 128 -16.01 -16.45 -10.55
CA ASP B 128 -17.30 -15.76 -10.30
C ASP B 128 -17.37 -14.56 -11.26
N VAL B 129 -18.21 -14.64 -12.27
CA VAL B 129 -18.37 -13.53 -13.27
C VAL B 129 -19.04 -12.29 -12.65
N ASN B 130 -19.66 -12.43 -11.49
CA ASN B 130 -20.42 -11.33 -10.83
C ASN B 130 -19.56 -10.61 -9.79
N ALA B 131 -18.35 -11.09 -9.49
CA ALA B 131 -17.52 -10.51 -8.42
C ALA B 131 -17.19 -9.08 -8.78
N GLN B 132 -17.32 -8.19 -7.83
CA GLN B 132 -17.07 -6.75 -8.07
C GLN B 132 -15.82 -6.33 -7.28
N ASP B 133 -14.95 -5.53 -7.92
CA ASP B 133 -13.82 -4.89 -7.25
C ASP B 133 -14.36 -3.75 -6.39
N LYS B 134 -13.44 -3.01 -5.77
CA LYS B 134 -13.75 -1.89 -4.82
C LYS B 134 -14.59 -0.80 -5.51
N PHE B 135 -14.57 -0.74 -6.84
CA PHE B 135 -15.24 0.31 -7.66
C PHE B 135 -16.49 -0.23 -8.34
N GLY B 136 -16.89 -1.43 -8.02
CA GLY B 136 -18.11 -1.99 -8.58
C GLY B 136 -17.90 -2.71 -9.88
N LYS B 137 -16.65 -2.93 -10.33
CA LYS B 137 -16.41 -3.48 -11.69
C LYS B 137 -16.35 -4.99 -11.60
N THR B 138 -17.03 -5.66 -12.51
CA THR B 138 -16.91 -7.11 -12.77
C THR B 138 -15.77 -7.34 -13.72
N PRO B 139 -15.34 -8.61 -13.92
CA PRO B 139 -14.37 -8.96 -14.95
C PRO B 139 -14.83 -8.51 -16.35
N PHE B 140 -16.10 -8.70 -16.68
CA PHE B 140 -16.64 -8.19 -17.96
C PHE B 140 -16.44 -6.67 -18.06
N ASP B 141 -16.82 -5.92 -17.03
CA ASP B 141 -16.62 -4.44 -17.04
C ASP B 141 -15.14 -4.14 -17.37
N LEU B 142 -14.21 -4.83 -16.72
CA LEU B 142 -12.78 -4.51 -16.92
C LEU B 142 -12.35 -4.87 -18.36
N ALA B 143 -12.85 -5.98 -18.93
CA ALA B 143 -12.52 -6.39 -20.31
C ALA B 143 -13.03 -5.30 -21.27
N ILE B 144 -14.24 -4.82 -21.03
CA ILE B 144 -14.79 -3.71 -21.89
C ILE B 144 -13.88 -2.49 -21.72
N ASP B 145 -13.59 -2.10 -20.49
CA ASP B 145 -12.81 -0.85 -20.21
C ASP B 145 -11.43 -0.92 -20.88
N ASN B 146 -10.86 -2.10 -21.05
CA ASN B 146 -9.48 -2.22 -21.62
C ASN B 146 -9.52 -2.80 -23.04
N GLY B 147 -10.68 -2.77 -23.69
CA GLY B 147 -10.85 -3.17 -25.11
C GLY B 147 -10.49 -4.60 -25.38
N ASN B 148 -10.73 -5.51 -24.43
CA ASN B 148 -10.47 -6.95 -24.65
C ASN B 148 -11.77 -7.57 -25.15
N GLU B 149 -12.04 -7.44 -26.44
CA GLU B 149 -13.36 -7.78 -27.01
C GLU B 149 -13.64 -9.28 -26.92
N ASP B 150 -12.67 -10.12 -27.25
CA ASP B 150 -12.88 -11.60 -27.28
C ASP B 150 -13.18 -12.06 -25.86
N ILE B 151 -12.47 -11.50 -24.88
CA ILE B 151 -12.67 -11.86 -23.45
C ILE B 151 -14.07 -11.38 -23.03
N ALA B 152 -14.46 -10.18 -23.39
CA ALA B 152 -15.78 -9.62 -23.00
C ALA B 152 -16.87 -10.59 -23.55
N GLU B 153 -16.68 -11.10 -24.77
CA GLU B 153 -17.65 -12.02 -25.42
C GLU B 153 -17.75 -13.32 -24.61
N VAL B 154 -16.60 -13.89 -24.24
CA VAL B 154 -16.56 -15.16 -23.47
C VAL B 154 -17.26 -14.95 -22.14
N LEU B 155 -17.01 -13.83 -21.47
CA LEU B 155 -17.59 -13.52 -20.14
C LEU B 155 -19.11 -13.31 -20.25
N GLN B 156 -19.55 -12.66 -21.31
CA GLN B 156 -20.99 -12.42 -21.55
C GLN B 156 -21.69 -13.78 -21.69
N LYS B 157 -21.13 -14.69 -22.47
CA LYS B 157 -21.72 -16.05 -22.63
C LYS B 157 -21.76 -16.78 -21.27
N ALA B 158 -20.82 -16.52 -20.35
CA ALA B 158 -20.76 -17.20 -19.03
C ALA B 158 -21.65 -16.49 -17.98
N ALA B 159 -22.30 -15.37 -18.32
CA ALA B 159 -22.97 -14.44 -17.37
C ALA B 159 -24.08 -15.15 -16.61
N ALA C 5 -6.69 28.45 -2.02
CA ALA C 5 -5.75 28.97 -0.95
C ALA C 5 -5.71 27.97 0.20
N ILE C 6 -4.58 27.28 0.39
CA ILE C 6 -4.47 26.07 1.27
C ILE C 6 -4.32 26.51 2.72
N PRO C 7 -4.94 25.85 3.71
CA PRO C 7 -4.79 26.27 5.09
C PRO C 7 -3.34 26.12 5.54
N SER C 8 -2.83 27.08 6.30
CA SER C 8 -1.50 27.01 6.91
C SER C 8 -1.52 25.92 7.96
N ASN C 9 -0.44 25.18 8.04
CA ASN C 9 -0.33 24.11 9.06
C ASN C 9 0.90 24.38 9.92
N THR C 10 1.55 25.56 9.81
CA THR C 10 2.83 25.74 10.55
C THR C 10 2.53 26.13 11.99
N ASP C 11 3.41 25.72 12.88
CA ASP C 11 3.21 25.99 14.31
C ASP C 11 3.27 27.51 14.56
N TYR C 12 2.40 27.99 15.42
CA TYR C 12 2.33 29.39 15.87
C TYR C 12 1.90 29.43 17.33
N PRO C 13 2.82 29.51 18.31
CA PRO C 13 2.42 29.49 19.72
C PRO C 13 1.57 30.72 20.10
N GLY C 14 1.88 31.84 19.47
CA GLY C 14 1.11 33.07 19.63
C GLY C 14 1.19 33.62 21.05
N PRO C 15 0.40 34.70 21.30
CA PRO C 15 0.45 35.46 22.55
C PRO C 15 0.09 34.63 23.79
N HIS C 16 -0.68 33.58 23.62
CA HIS C 16 -1.16 32.75 24.78
C HIS C 16 -0.33 31.47 24.93
N SER C 17 0.72 31.31 24.14
CA SER C 17 1.63 30.13 24.19
C SER C 17 0.80 28.84 24.04
N PHE C 18 0.00 28.81 23.02
CA PHE C 18 -0.97 27.72 22.74
C PHE C 18 -0.22 26.44 22.38
N ASP C 19 -0.58 25.35 23.04
CA ASP C 19 0.02 24.04 22.71
C ASP C 19 -1.01 22.95 22.85
N VAL C 20 -0.81 21.92 22.10
CA VAL C 20 -1.72 20.77 21.98
C VAL C 20 -0.93 19.56 22.38
N SER C 21 -1.44 18.74 23.28
CA SER C 21 -0.71 17.54 23.76
C SER C 21 -1.68 16.39 24.06
N PHE C 22 -1.12 15.22 24.31
CA PHE C 22 -1.89 13.96 24.50
C PHE C 22 -1.50 13.29 25.83
N GLN C 23 -2.53 12.85 26.58
CA GLN C 23 -2.49 11.92 27.75
C GLN C 23 -2.24 12.73 29.01
N ALA C 31 -5.87 1.50 24.51
CA ALA C 31 -6.02 0.53 23.38
C ALA C 31 -6.96 1.10 22.29
N THR C 32 -7.67 2.23 22.55
CA THR C 32 -8.44 2.90 21.49
C THR C 32 -7.58 3.93 20.76
N TRP C 33 -6.59 4.55 21.41
CA TRP C 33 -5.70 5.52 20.71
C TRP C 33 -4.30 5.52 21.29
N THR C 34 -3.33 5.94 20.49
CA THR C 34 -1.95 6.17 20.94
C THR C 34 -1.36 7.31 20.14
N TYR C 35 -0.51 8.11 20.78
CA TYR C 35 0.13 9.27 20.16
C TYR C 35 1.63 9.03 20.08
N SER C 36 2.21 9.15 18.86
CA SER C 36 3.67 9.15 18.61
C SER C 36 4.17 10.59 18.80
N THR C 37 4.97 10.83 19.81
CA THR C 37 5.62 12.16 19.94
C THR C 37 6.71 12.27 18.86
N GLU C 38 7.34 11.17 18.52
CA GLU C 38 8.41 11.14 17.50
C GLU C 38 7.86 11.52 16.11
N LEU C 39 6.66 11.06 15.75
CA LEU C 39 6.09 11.34 14.41
C LEU C 39 5.04 12.45 14.49
N LYS C 40 4.71 12.95 15.69
CA LYS C 40 3.59 13.90 15.92
C LYS C 40 2.36 13.36 15.21
N LYS C 41 1.98 12.15 15.59
CA LYS C 41 0.95 11.38 14.87
C LYS C 41 0.06 10.64 15.89
N LEU C 42 -1.24 10.94 15.82
CA LEU C 42 -2.29 10.27 16.59
C LEU C 42 -2.76 9.06 15.78
N TYR C 43 -2.91 7.96 16.44
CA TYR C 43 -3.47 6.70 15.91
C TYR C 43 -4.71 6.43 16.76
N CYS C 44 -5.87 6.37 16.14
CA CYS C 44 -7.12 6.25 16.94
CA CYS C 44 -7.16 6.36 16.88
C CYS C 44 -8.14 5.40 16.21
N GLN C 45 -9.09 4.86 16.95
CA GLN C 45 -10.13 4.02 16.35
C GLN C 45 -11.32 4.92 15.98
N ILE C 46 -12.08 4.47 14.98
CA ILE C 46 -13.29 5.17 14.47
C ILE C 46 -14.31 5.39 15.59
N ALA C 47 -14.78 6.62 15.71
CA ALA C 47 -15.94 7.05 16.55
C ALA C 47 -15.61 7.04 18.05
N LYS C 48 -14.45 6.59 18.47
CA LYS C 48 -14.08 6.54 19.86
C LYS C 48 -13.64 7.91 20.37
N THR C 49 -13.83 8.11 21.66
CA THR C 49 -13.43 9.34 22.37
C THR C 49 -11.91 9.48 22.29
N CYS C 50 -11.44 10.62 21.79
CA CYS C 50 -10.00 10.99 21.73
CA CYS C 50 -10.02 10.96 21.79
C CYS C 50 -9.78 12.29 22.48
N PRO C 51 -9.29 12.26 23.73
CA PRO C 51 -9.14 13.48 24.52
C PRO C 51 -7.89 14.20 24.07
N ILE C 52 -8.01 15.47 23.69
CA ILE C 52 -6.81 16.27 23.37
C ILE C 52 -6.69 17.38 24.39
N GLN C 53 -5.48 17.58 24.91
CA GLN C 53 -5.16 18.60 25.93
C GLN C 53 -4.75 19.91 25.27
N ILE C 54 -5.38 20.99 25.66
CA ILE C 54 -4.98 22.37 25.25
C ILE C 54 -4.30 23.05 26.44
N LYS C 55 -3.20 23.73 26.19
CA LYS C 55 -2.49 24.49 27.21
C LYS C 55 -2.30 25.91 26.72
N VAL C 56 -2.57 26.86 27.58
CA VAL C 56 -2.22 28.28 27.34
C VAL C 56 -1.51 28.81 28.57
N MET C 57 -0.74 29.86 28.41
CA MET C 57 0.02 30.49 29.53
CA MET C 57 -0.03 30.48 29.55
C MET C 57 -0.70 31.78 30.00
N THR C 58 -1.58 32.36 29.18
CA THR C 58 -2.39 33.56 29.54
C THR C 58 -3.78 33.39 28.98
N PRO C 59 -4.81 34.01 29.62
CA PRO C 59 -6.19 33.79 29.21
C PRO C 59 -6.42 34.34 27.81
N PRO C 60 -6.98 33.51 26.92
CA PRO C 60 -7.52 33.98 25.67
C PRO C 60 -8.60 35.02 25.91
N PRO C 61 -8.87 35.84 24.90
CA PRO C 61 -9.92 36.86 24.99
C PRO C 61 -11.29 36.21 25.08
N GLN C 62 -12.26 36.99 25.56
CA GLN C 62 -13.66 36.53 25.63
C GLN C 62 -14.12 36.13 24.23
N GLY C 63 -14.78 35.02 24.16
CA GLY C 63 -15.39 34.49 22.92
C GLY C 63 -14.39 33.69 22.10
N ALA C 64 -13.16 33.49 22.57
CA ALA C 64 -12.16 32.72 21.81
C ALA C 64 -12.68 31.30 21.62
N VAL C 65 -12.25 30.68 20.56
CA VAL C 65 -12.70 29.34 20.12
C VAL C 65 -11.46 28.51 19.77
N ILE C 66 -11.68 27.20 19.78
CA ILE C 66 -10.73 26.20 19.30
C ILE C 66 -11.35 25.55 18.10
N ARG C 67 -10.68 25.63 16.97
CA ARG C 67 -11.09 24.99 15.71
C ARG C 67 -10.23 23.75 15.47
N ALA C 68 -10.83 22.66 14.97
CA ALA C 68 -10.12 21.51 14.47
C ALA C 68 -10.54 21.30 13.03
N MET C 69 -9.57 21.26 12.13
CA MET C 69 -9.83 21.12 10.69
C MET C 69 -8.92 20.02 10.15
N PRO C 70 -9.46 19.01 9.47
CA PRO C 70 -8.66 18.00 8.79
C PRO C 70 -8.28 18.50 7.41
N VAL C 71 -7.05 18.20 6.97
CA VAL C 71 -6.58 18.54 5.62
C VAL C 71 -5.72 17.38 5.15
N TYR C 72 -5.72 17.10 3.87
CA TYR C 72 -4.85 16.02 3.34
C TYR C 72 -3.40 16.48 3.51
N LYS C 73 -2.52 15.53 3.84
CA LYS C 73 -1.09 15.80 4.15
C LYS C 73 -0.30 16.02 2.85
N LYS C 74 -0.57 15.23 1.84
CA LYS C 74 0.26 15.23 0.60
C LYS C 74 -0.15 16.34 -0.35
N ALA C 75 0.83 17.00 -0.98
CA ALA C 75 0.64 18.09 -1.96
C ALA C 75 -0.36 17.70 -3.05
N GLU C 76 -0.35 16.45 -3.54
CA GLU C 76 -1.25 16.00 -4.64
C GLU C 76 -2.69 15.87 -4.13
N HIS C 77 -2.92 15.88 -2.81
CA HIS C 77 -4.29 15.75 -2.23
C HIS C 77 -4.79 17.04 -1.57
N VAL C 78 -3.92 17.99 -1.31
CA VAL C 78 -4.21 19.03 -0.28
C VAL C 78 -5.43 19.89 -0.71
N THR C 79 -5.68 20.06 -2.01
CA THR C 79 -6.83 20.92 -2.47
C THR C 79 -8.16 20.21 -2.26
N GLU C 80 -8.19 18.91 -1.97
CA GLU C 80 -9.45 18.17 -1.78
C GLU C 80 -9.90 18.35 -0.34
N VAL C 81 -11.15 18.74 -0.15
CA VAL C 81 -11.76 18.86 1.21
C VAL C 81 -11.82 17.48 1.83
N VAL C 82 -11.39 17.38 3.09
CA VAL C 82 -11.45 16.12 3.87
C VAL C 82 -12.85 16.01 4.48
N LYS C 83 -13.60 15.00 4.09
CA LYS C 83 -14.94 14.73 4.64
C LYS C 83 -15.18 13.22 4.67
N ARG C 84 -16.27 12.83 5.28
CA ARG C 84 -16.61 11.41 5.41
C ARG C 84 -16.94 10.83 4.05
N CYS C 85 -16.66 9.54 3.90
CA CYS C 85 -17.04 8.74 2.72
C CYS C 85 -18.55 8.78 2.55
N PRO C 86 -19.06 8.71 1.33
CA PRO C 86 -20.51 8.69 1.14
C PRO C 86 -21.20 7.56 1.93
N ASN C 87 -20.57 6.37 1.97
CA ASN C 87 -21.15 5.20 2.68
C ASN C 87 -21.46 5.60 4.14
N HIS C 88 -20.51 6.19 4.86
CA HIS C 88 -20.70 6.63 6.26
C HIS C 88 -21.63 7.83 6.34
N GLU C 89 -21.55 8.75 5.39
CA GLU C 89 -22.42 9.95 5.40
C GLU C 89 -23.88 9.49 5.33
N LEU C 90 -24.17 8.45 4.54
CA LEU C 90 -25.59 8.12 4.25
C LEU C 90 -26.07 7.00 5.18
N SER C 91 -25.18 6.38 5.92
CA SER C 91 -25.50 5.31 6.89
C SER C 91 -26.38 5.85 8.03
N ARG C 92 -27.19 4.97 8.64
CA ARG C 92 -27.82 5.26 9.96
C ARG C 92 -26.79 5.10 11.09
N GLU C 93 -25.79 4.25 10.91
CA GLU C 93 -24.77 4.01 11.95
C GLU C 93 -24.05 5.31 12.25
N PHE C 94 -23.84 5.60 13.53
CA PHE C 94 -23.09 6.79 14.04
C PHE C 94 -23.86 8.09 13.78
N ASN C 95 -25.00 8.06 13.08
CA ASN C 95 -25.58 9.31 12.55
C ASN C 95 -26.92 9.57 13.24
N GLU C 96 -27.67 8.53 13.35
CA GLU C 96 -29.04 8.56 13.90
C GLU C 96 -28.91 8.89 15.40
N GLY C 97 -29.78 9.73 15.93
CA GLY C 97 -29.81 10.07 17.35
C GLY C 97 -28.61 10.91 17.78
N GLN C 98 -27.92 11.60 16.85
CA GLN C 98 -26.98 12.69 17.24
C GLN C 98 -26.96 13.86 16.23
N ILE C 99 -26.31 15.01 16.60
CA ILE C 99 -26.59 16.39 16.02
C ILE C 99 -25.54 16.83 14.97
N ALA C 100 -24.29 16.36 15.02
CA ALA C 100 -23.23 16.73 14.07
C ALA C 100 -23.70 16.42 12.65
N PRO C 101 -23.42 17.25 11.64
CA PRO C 101 -23.78 16.90 10.27
C PRO C 101 -23.04 15.64 9.84
N PRO C 102 -23.69 14.76 9.08
CA PRO C 102 -23.14 13.42 8.84
C PRO C 102 -21.97 13.39 7.85
N SER C 103 -21.66 14.49 7.17
CA SER C 103 -20.48 14.54 6.28
C SER C 103 -19.22 14.84 7.08
N HIS C 104 -19.32 15.42 8.29
CA HIS C 104 -18.13 15.93 9.01
C HIS C 104 -17.28 14.80 9.56
N LEU C 105 -15.99 14.83 9.27
CA LEU C 105 -15.06 13.81 9.80
C LEU C 105 -14.90 14.02 11.31
N ILE C 106 -14.67 15.25 11.76
CA ILE C 106 -14.34 15.52 13.15
C ILE C 106 -15.59 15.91 13.88
N ARG C 107 -15.85 15.27 14.99
CA ARG C 107 -16.91 15.68 15.93
C ARG C 107 -16.29 16.04 17.27
N VAL C 108 -17.06 16.76 18.06
CA VAL C 108 -16.78 16.94 19.49
C VAL C 108 -17.86 16.24 20.30
N GLU C 109 -17.46 15.67 21.39
CA GLU C 109 -18.35 15.10 22.40
C GLU C 109 -18.37 15.96 23.65
N GLY C 110 -19.55 16.11 24.30
CA GLY C 110 -19.58 16.76 25.61
C GLY C 110 -19.64 18.26 25.56
N ASN C 111 -19.91 18.87 24.40
CA ASN C 111 -19.91 20.33 24.22
C ASN C 111 -21.17 20.75 23.45
N SER C 112 -22.09 21.44 24.14
CA SER C 112 -23.35 21.89 23.52
C SER C 112 -23.12 23.04 22.55
N HIS C 113 -21.97 23.71 22.63
CA HIS C 113 -21.66 24.90 21.79
C HIS C 113 -20.81 24.51 20.59
N ALA C 114 -20.56 23.21 20.37
CA ALA C 114 -19.77 22.74 19.20
C ALA C 114 -20.49 23.25 17.96
N GLN C 115 -19.74 23.90 17.09
CA GLN C 115 -20.28 24.51 15.89
C GLN C 115 -19.62 23.85 14.68
N TYR C 116 -20.42 23.28 13.80
CA TYR C 116 -19.93 22.55 12.61
C TYR C 116 -20.08 23.51 11.43
N VAL C 117 -18.98 23.90 10.83
CA VAL C 117 -19.01 24.95 9.83
C VAL C 117 -18.44 24.42 8.53
N GLU C 118 -18.83 25.07 7.46
CA GLU C 118 -18.32 24.78 6.11
C GLU C 118 -18.04 26.13 5.44
N ASP C 119 -16.80 26.36 5.05
CA ASP C 119 -16.40 27.64 4.46
C ASP C 119 -17.07 27.80 3.12
N PRO C 120 -17.73 28.93 2.83
CA PRO C 120 -18.45 29.07 1.55
C PRO C 120 -17.48 29.24 0.37
N ILE C 121 -16.21 29.57 0.63
CA ILE C 121 -15.17 29.83 -0.41
C ILE C 121 -14.35 28.56 -0.62
N THR C 122 -13.81 27.96 0.45
CA THR C 122 -12.88 26.80 0.34
C THR C 122 -13.69 25.50 0.31
N GLY C 123 -14.93 25.52 0.82
CA GLY C 123 -15.73 24.31 1.08
C GLY C 123 -15.20 23.49 2.27
N ARG C 124 -14.19 23.95 2.97
CA ARG C 124 -13.64 23.12 4.07
C ARG C 124 -14.61 23.04 5.24
N GLN C 125 -14.60 21.88 5.85
CA GLN C 125 -15.40 21.59 7.07
C GLN C 125 -14.50 21.62 8.30
N SER C 126 -14.99 22.23 9.37
CA SER C 126 -14.32 22.14 10.67
C SER C 126 -15.34 22.21 11.78
N VAL C 127 -14.87 21.95 12.97
CA VAL C 127 -15.65 22.04 14.20
C VAL C 127 -14.93 22.96 15.19
N LEU C 128 -15.72 23.79 15.82
CA LEU C 128 -15.26 24.80 16.80
C LEU C 128 -15.98 24.56 18.10
N VAL C 129 -15.29 24.88 19.18
CA VAL C 129 -15.86 24.96 20.54
C VAL C 129 -15.34 26.24 21.17
N PRO C 130 -16.10 26.82 22.11
CA PRO C 130 -15.59 27.88 22.96
C PRO C 130 -14.36 27.38 23.72
N TYR C 131 -13.35 28.21 23.78
CA TYR C 131 -12.25 28.04 24.73
C TYR C 131 -12.82 28.19 26.13
N GLU C 132 -12.51 27.27 27.01
CA GLU C 132 -12.82 27.37 28.45
C GLU C 132 -11.53 27.06 29.22
N PRO C 133 -11.24 27.75 30.32
CA PRO C 133 -10.02 27.48 31.05
C PRO C 133 -10.07 26.12 31.71
N PRO C 134 -8.94 25.60 32.16
CA PRO C 134 -8.94 24.35 32.92
C PRO C 134 -9.84 24.48 34.16
N GLN C 135 -10.42 23.38 34.59
CA GLN C 135 -11.02 23.27 35.97
C GLN C 135 -9.95 23.67 37.00
N VAL C 136 -10.31 24.47 38.00
CA VAL C 136 -9.34 25.06 38.97
C VAL C 136 -8.42 23.95 39.49
N GLY C 137 -7.11 24.23 39.51
CA GLY C 137 -6.07 23.33 40.02
C GLY C 137 -5.72 22.20 39.05
N THR C 138 -6.14 22.29 37.77
CA THR C 138 -5.64 21.43 36.66
C THR C 138 -4.92 22.34 35.66
N GLU C 139 -4.12 21.78 34.75
CA GLU C 139 -3.19 22.58 33.91
C GLU C 139 -3.72 22.70 32.47
N PHE C 140 -4.57 21.78 32.06
CA PHE C 140 -5.00 21.59 30.66
C PHE C 140 -6.52 21.69 30.54
N THR C 141 -6.94 22.21 29.40
CA THR C 141 -8.33 22.13 28.93
C THR C 141 -8.44 20.90 28.04
N THR C 142 -9.40 20.04 28.29
CA THR C 142 -9.58 18.82 27.49
C THR C 142 -10.70 19.05 26.50
N VAL C 143 -10.46 18.75 25.25
CA VAL C 143 -11.52 18.68 24.23
C VAL C 143 -11.64 17.22 23.78
N LEU C 144 -12.84 16.70 23.74
CA LEU C 144 -13.09 15.29 23.36
C LEU C 144 -13.44 15.22 21.93
N TYR C 145 -12.56 14.67 21.08
CA TYR C 145 -12.82 14.60 19.65
C TYR C 145 -13.22 13.15 19.28
N ASN C 146 -13.97 13.04 18.23
CA ASN C 146 -14.30 11.76 17.56
C ASN C 146 -13.95 11.87 16.10
N PHE C 147 -13.30 10.84 15.52
CA PHE C 147 -12.97 10.85 14.08
C PHE C 147 -13.81 9.79 13.41
N MET C 148 -14.57 10.15 12.37
CA MET C 148 -15.81 9.41 12.06
C MET C 148 -15.67 8.57 10.80
N CYS C 149 -14.46 8.43 10.24
CA CYS C 149 -14.20 7.44 9.18
C CYS C 149 -12.85 6.81 9.49
N ASN C 150 -12.66 5.64 9.01
CA ASN C 150 -11.33 5.00 8.99
C ASN C 150 -10.50 5.68 7.92
N SER C 151 -9.18 5.70 8.11
CA SER C 151 -8.23 6.16 7.05
C SER C 151 -8.46 5.37 5.77
N SER C 152 -8.89 4.11 5.87
CA SER C 152 -9.06 3.17 4.74
C SER C 152 -10.40 3.33 4.02
N CYS C 153 -11.29 4.19 4.47
CA CYS C 153 -12.65 4.30 3.91
C CYS C 153 -12.57 4.57 2.40
N VAL C 154 -13.13 3.68 1.58
CA VAL C 154 -12.95 3.68 0.11
C VAL C 154 -13.46 5.00 -0.56
N GLY C 155 -14.61 5.48 -0.20
CA GLY C 155 -15.14 6.67 -0.92
C GLY C 155 -14.69 7.98 -0.27
N GLY C 156 -13.75 7.93 0.68
CA GLY C 156 -13.34 9.11 1.45
C GLY C 156 -11.83 9.23 1.51
N MET C 157 -11.24 9.18 2.70
CA MET C 157 -9.78 9.37 2.81
C MET C 157 -9.04 8.32 1.96
N ASN C 158 -9.56 7.09 1.85
CA ASN C 158 -9.06 6.13 0.84
C ASN C 158 -7.55 5.89 1.06
N ARG C 159 -7.15 5.67 2.30
CA ARG C 159 -5.76 5.37 2.75
C ARG C 159 -4.83 6.57 2.55
N ARG C 160 -5.33 7.78 2.26
CA ARG C 160 -4.46 8.98 2.19
C ARG C 160 -4.29 9.58 3.58
N PRO C 161 -3.07 10.02 3.93
CA PRO C 161 -2.84 10.62 5.24
C PRO C 161 -3.42 12.03 5.37
N ILE C 162 -3.89 12.34 6.57
CA ILE C 162 -4.43 13.66 6.93
C ILE C 162 -3.67 14.26 8.09
N LEU C 163 -3.71 15.57 8.16
CA LEU C 163 -3.29 16.40 9.29
C LEU C 163 -4.56 16.96 9.96
N ILE C 164 -4.46 17.21 11.22
CA ILE C 164 -5.50 17.96 11.99
C ILE C 164 -4.85 19.26 12.37
N ILE C 165 -5.37 20.33 11.87
CA ILE C 165 -4.92 21.68 12.26
C ILE C 165 -5.79 22.18 13.36
N VAL C 166 -5.18 22.51 14.50
CA VAL C 166 -5.91 22.97 15.69
C VAL C 166 -5.55 24.40 15.90
N THR C 167 -6.51 25.28 15.78
CA THR C 167 -6.28 26.72 15.99
C THR C 167 -7.01 27.26 17.20
N LEU C 168 -6.38 28.18 17.89
CA LEU C 168 -7.03 29.09 18.82
C LEU C 168 -7.36 30.37 18.06
N GLU C 169 -8.61 30.84 18.10
CA GLU C 169 -9.05 31.99 17.28
C GLU C 169 -9.91 32.94 18.11
N THR C 170 -9.94 34.21 17.73
CA THR C 170 -11.01 35.12 18.20
C THR C 170 -12.35 34.62 17.66
N ARG C 171 -13.44 35.06 18.28
CA ARG C 171 -14.80 34.79 17.72
C ARG C 171 -14.88 35.20 16.25
N ASP C 172 -14.21 36.28 15.82
CA ASP C 172 -14.37 36.80 14.42
C ASP C 172 -13.28 36.24 13.50
N GLY C 173 -12.52 35.24 13.95
CA GLY C 173 -11.77 34.33 13.07
C GLY C 173 -10.31 34.72 12.92
N GLN C 174 -9.82 35.58 13.79
CA GLN C 174 -8.40 35.96 13.81
C GLN C 174 -7.61 34.86 14.52
N VAL C 175 -6.56 34.36 13.90
CA VAL C 175 -5.69 33.32 14.50
C VAL C 175 -4.95 33.89 15.73
N LEU C 176 -5.00 33.15 16.83
CA LEU C 176 -4.26 33.43 18.06
C LEU C 176 -3.19 32.36 18.32
N GLY C 177 -3.31 31.17 17.73
CA GLY C 177 -2.39 30.08 17.97
C GLY C 177 -2.69 28.92 17.04
N ARG C 178 -1.70 28.14 16.70
CA ARG C 178 -1.89 27.06 15.73
C ARG C 178 -0.93 25.93 16.04
N ARG C 179 -1.44 24.70 16.01
CA ARG C 179 -0.63 23.47 16.13
C ARG C 179 -1.16 22.49 15.11
N CYS C 180 -0.40 21.47 14.80
CA CYS C 180 -0.84 20.50 13.80
C CYS C 180 -0.31 19.14 14.22
N PHE C 181 -1.06 18.07 14.01
CA PHE C 181 -0.52 16.69 14.14
C PHE C 181 -1.14 15.87 13.02
N GLU C 182 -0.46 14.84 12.59
CA GLU C 182 -1.03 13.86 11.64
C GLU C 182 -1.97 12.95 12.43
N ALA C 183 -3.04 12.49 11.80
CA ALA C 183 -3.99 11.55 12.42
C ALA C 183 -4.19 10.38 11.46
N ARG C 184 -4.25 9.20 12.03
CA ARG C 184 -4.60 7.98 11.29
C ARG C 184 -5.67 7.26 12.08
N ILE C 185 -6.79 6.99 11.43
CA ILE C 185 -7.90 6.26 12.05
C ILE C 185 -7.79 4.81 11.60
N CYS C 186 -7.54 3.92 12.55
CA CYS C 186 -7.08 2.56 12.21
C CYS C 186 -7.60 1.57 13.22
N ALA C 187 -7.46 0.31 12.89
CA ALA C 187 -8.08 -0.79 13.67
C ALA C 187 -7.26 -1.01 14.93
N CYS C 188 -5.95 -0.98 14.81
CA CYS C 188 -5.03 -1.46 15.86
C CYS C 188 -3.93 -0.43 16.11
N PRO C 189 -4.25 0.66 16.83
CA PRO C 189 -3.35 1.81 16.89
C PRO C 189 -1.91 1.46 17.31
N GLY C 190 -1.75 0.67 18.36
CA GLY C 190 -0.39 0.26 18.84
C GLY C 190 0.46 -0.37 17.77
N ARG C 191 -0.12 -1.27 16.97
CA ARG C 191 0.58 -2.01 15.90
C ARG C 191 0.96 -0.99 14.82
N ASP C 192 0.03 -0.12 14.42
CA ASP C 192 0.30 0.85 13.32
C ASP C 192 1.45 1.75 13.77
N ARG C 193 1.41 2.16 15.01
CA ARG C 193 2.41 3.15 15.51
C ARG C 193 3.79 2.49 15.51
N LYS C 194 3.87 1.29 16.05
CA LYS C 194 5.14 0.56 16.13
C LYS C 194 5.70 0.42 14.69
N ALA C 195 4.88 0.00 13.73
CA ALA C 195 5.31 -0.23 12.34
C ALA C 195 5.85 1.09 11.76
N ASP C 196 5.17 2.21 12.02
CA ASP C 196 5.63 3.51 11.46
C ASP C 196 6.92 3.93 12.16
N GLU C 197 7.00 3.79 13.46
CA GLU C 197 8.24 4.20 14.20
C GLU C 197 9.40 3.31 13.76
N ASP C 198 9.16 2.04 13.55
CA ASP C 198 10.21 1.10 13.09
C ASP C 198 10.73 1.53 11.71
N SER C 199 9.85 2.04 10.85
CA SER C 199 10.12 2.22 9.41
C SER C 199 11.01 3.45 9.23
N ILE C 200 11.09 4.34 10.23
CA ILE C 200 11.98 5.55 10.20
C ILE C 200 13.38 5.13 9.78
N ASP D 3 -23.88 -3.68 0.46
CA ASP D 3 -22.84 -4.79 0.41
C ASP D 3 -22.69 -5.39 1.82
N LEU D 4 -22.96 -6.69 1.90
CA LEU D 4 -22.91 -7.47 3.16
C LEU D 4 -21.49 -7.47 3.74
N GLY D 5 -20.45 -7.57 2.91
CA GLY D 5 -19.06 -7.58 3.36
C GLY D 5 -18.75 -6.32 4.16
N LYS D 6 -19.06 -5.17 3.60
CA LYS D 6 -18.79 -3.86 4.28
C LYS D 6 -19.57 -3.83 5.60
N LYS D 7 -20.82 -4.26 5.61
CA LYS D 7 -21.65 -4.29 6.84
C LYS D 7 -21.05 -5.23 7.87
N LEU D 8 -20.55 -6.37 7.45
CA LEU D 8 -20.00 -7.38 8.38
C LEU D 8 -18.71 -6.82 8.98
N LEU D 9 -17.84 -6.24 8.16
CA LEU D 9 -16.56 -5.66 8.67
C LEU D 9 -16.93 -4.59 9.72
N GLU D 10 -17.94 -3.78 9.45
CA GLU D 10 -18.28 -2.69 10.39
C GLU D 10 -18.84 -3.31 11.67
N ALA D 11 -19.78 -4.24 11.58
CA ALA D 11 -20.43 -4.83 12.79
C ALA D 11 -19.37 -5.52 13.65
N ALA D 12 -18.39 -6.15 13.02
CA ALA D 12 -17.33 -6.89 13.73
C ALA D 12 -16.43 -5.87 14.45
N GLN D 13 -16.20 -4.73 13.84
CA GLN D 13 -15.30 -3.70 14.45
C GLN D 13 -16.02 -3.07 15.62
N ILE D 14 -17.28 -2.71 15.45
CA ILE D 14 -17.88 -1.83 16.48
C ILE D 14 -18.57 -2.68 17.52
N GLY D 15 -18.69 -3.98 17.31
CA GLY D 15 -19.07 -4.94 18.37
C GLY D 15 -20.59 -5.24 18.36
N GLN D 16 -21.21 -5.24 17.19
CA GLN D 16 -22.66 -5.52 17.03
C GLN D 16 -22.87 -7.02 16.80
N LEU D 17 -22.93 -7.81 17.89
CA LEU D 17 -22.98 -9.31 17.81
C LEU D 17 -24.24 -9.76 17.06
N ASP D 18 -25.39 -9.16 17.38
CA ASP D 18 -26.70 -9.52 16.78
C ASP D 18 -26.61 -9.31 15.27
N GLU D 19 -26.06 -8.18 14.87
CA GLU D 19 -25.90 -7.85 13.46
C GLU D 19 -24.93 -8.84 12.80
N VAL D 20 -23.84 -9.21 13.47
CA VAL D 20 -22.87 -10.16 12.86
C VAL D 20 -23.59 -11.48 12.54
N ARG D 21 -24.32 -12.02 13.51
CA ARG D 21 -25.12 -13.28 13.33
C ARG D 21 -26.11 -13.13 12.15
N ILE D 22 -26.79 -11.99 12.04
CA ILE D 22 -27.82 -11.79 10.98
C ILE D 22 -27.11 -11.76 9.63
N LEU D 23 -26.00 -11.03 9.53
CA LEU D 23 -25.30 -10.85 8.23
C LEU D 23 -24.76 -12.19 7.75
N MET D 24 -24.24 -13.01 8.64
N MET D 24 -24.20 -12.98 8.68
CA MET D 24 -23.67 -14.30 8.20
CA MET D 24 -23.67 -14.34 8.41
C MET D 24 -24.83 -15.24 7.80
C MET D 24 -24.80 -15.21 7.84
N ALA D 25 -25.97 -15.15 8.48
CA ALA D 25 -27.17 -15.95 8.12
C ALA D 25 -27.64 -15.52 6.72
N ASN D 26 -27.42 -14.26 6.33
CA ASN D 26 -27.83 -13.71 5.02
C ASN D 26 -26.71 -13.87 3.99
N GLY D 27 -25.67 -14.62 4.32
CA GLY D 27 -24.60 -15.02 3.37
C GLY D 27 -23.42 -14.07 3.28
N ALA D 28 -23.20 -13.21 4.26
CA ALA D 28 -22.03 -12.31 4.30
C ALA D 28 -20.77 -13.18 4.26
N ASP D 29 -19.79 -12.75 3.46
CA ASP D 29 -18.48 -13.42 3.35
C ASP D 29 -17.72 -13.23 4.65
N VAL D 30 -17.51 -14.31 5.39
CA VAL D 30 -16.85 -14.22 6.72
C VAL D 30 -15.38 -13.80 6.54
N ASN D 31 -14.81 -13.99 5.34
CA ASN D 31 -13.41 -13.63 5.03
C ASN D 31 -13.35 -12.40 4.10
N ALA D 32 -14.36 -11.54 4.11
CA ALA D 32 -14.30 -10.20 3.48
C ALA D 32 -13.07 -9.44 4.01
N SER D 33 -12.46 -8.58 3.21
CA SER D 33 -11.33 -7.77 3.72
C SER D 33 -11.55 -6.29 3.40
N ASP D 34 -11.04 -5.40 4.26
CA ASP D 34 -11.04 -3.96 3.95
C ASP D 34 -9.78 -3.67 3.14
N THR D 35 -9.51 -2.40 2.82
CA THR D 35 -8.36 -2.07 1.95
C THR D 35 -7.07 -2.04 2.78
N ASP D 36 -7.12 -2.25 4.11
CA ASP D 36 -5.90 -2.47 4.94
C ASP D 36 -5.68 -3.99 5.11
N GLY D 37 -6.51 -4.81 4.44
CA GLY D 37 -6.45 -6.29 4.48
C GLY D 37 -7.05 -6.87 5.73
N LEU D 38 -7.78 -6.10 6.52
CA LEU D 38 -8.37 -6.65 7.78
C LEU D 38 -9.68 -7.40 7.47
N THR D 39 -9.81 -8.60 8.02
CA THR D 39 -11.02 -9.42 7.95
C THR D 39 -11.89 -9.13 9.16
N PRO D 40 -13.15 -9.54 9.14
CA PRO D 40 -13.96 -9.41 10.36
C PRO D 40 -13.26 -9.98 11.61
N LEU D 41 -12.58 -11.13 11.46
CA LEU D 41 -11.88 -11.75 12.60
C LEU D 41 -10.75 -10.82 13.09
N HIS D 42 -9.97 -10.18 12.18
CA HIS D 42 -8.95 -9.20 12.58
C HIS D 42 -9.63 -8.11 13.40
N LEU D 43 -10.75 -7.60 12.90
CA LEU D 43 -11.36 -6.36 13.46
C LEU D 43 -11.97 -6.67 14.83
N ALA D 44 -12.63 -7.81 14.97
CA ALA D 44 -13.17 -8.24 16.28
C ALA D 44 -12.03 -8.50 17.26
N ALA D 45 -10.93 -9.13 16.80
CA ALA D 45 -9.75 -9.40 17.64
C ALA D 45 -9.13 -8.07 18.11
N ALA D 46 -8.97 -7.11 17.22
CA ALA D 46 -8.33 -5.82 17.56
C ALA D 46 -9.23 -5.08 18.55
N SER D 47 -10.53 -5.09 18.30
CA SER D 47 -11.51 -4.31 19.07
C SER D 47 -11.86 -4.97 20.42
N GLY D 48 -11.55 -6.24 20.60
CA GLY D 48 -11.79 -6.92 21.88
C GLY D 48 -13.18 -7.57 21.99
N HIS D 49 -13.83 -7.93 20.89
CA HIS D 49 -15.23 -8.48 20.89
C HIS D 49 -15.15 -10.02 20.91
N LEU D 50 -15.06 -10.58 22.09
CA LEU D 50 -14.82 -12.04 22.29
C LEU D 50 -15.93 -12.84 21.61
N GLU D 51 -17.21 -12.52 21.88
CA GLU D 51 -18.33 -13.38 21.39
C GLU D 51 -18.36 -13.31 19.86
N ILE D 52 -18.03 -12.15 19.27
CA ILE D 52 -17.96 -12.06 17.80
C ILE D 52 -16.82 -12.92 17.30
N VAL D 53 -15.68 -12.85 17.93
CA VAL D 53 -14.55 -13.71 17.50
C VAL D 53 -15.04 -15.17 17.48
N GLU D 54 -15.72 -15.60 18.52
CA GLU D 54 -16.17 -17.00 18.62
C GLU D 54 -17.12 -17.33 17.47
N VAL D 55 -18.10 -16.45 17.17
CA VAL D 55 -19.14 -16.71 16.15
C VAL D 55 -18.46 -16.77 14.76
N LEU D 56 -17.50 -15.90 14.52
CA LEU D 56 -16.76 -15.87 13.23
C LEU D 56 -15.93 -17.17 13.08
N LEU D 57 -15.29 -17.63 14.12
CA LEU D 57 -14.48 -18.86 14.05
C LEU D 57 -15.43 -20.02 13.74
N LYS D 58 -16.59 -20.06 14.41
CA LYS D 58 -17.59 -21.16 14.22
C LYS D 58 -18.09 -21.15 12.79
N THR D 59 -18.12 -20.00 12.12
CA THR D 59 -18.71 -19.81 10.78
C THR D 59 -17.64 -19.77 9.68
N GLY D 60 -16.43 -20.23 9.96
CA GLY D 60 -15.41 -20.49 8.92
C GLY D 60 -14.39 -19.38 8.75
N ALA D 61 -14.28 -18.46 9.69
CA ALA D 61 -13.27 -17.38 9.58
C ALA D 61 -11.89 -18.03 9.55
N ASP D 62 -11.00 -17.53 8.66
CA ASP D 62 -9.61 -17.96 8.54
C ASP D 62 -8.79 -17.40 9.72
N VAL D 63 -8.42 -18.27 10.64
CA VAL D 63 -7.75 -17.89 11.92
C VAL D 63 -6.40 -17.26 11.64
N ASN D 64 -5.75 -17.61 10.54
CA ASN D 64 -4.36 -17.20 10.24
C ASN D 64 -4.33 -16.30 9.01
N ALA D 65 -5.46 -15.65 8.63
CA ALA D 65 -5.48 -14.64 7.55
C ALA D 65 -4.50 -13.54 7.90
N THR D 66 -3.80 -12.96 6.91
CA THR D 66 -2.84 -11.83 7.11
C THR D 66 -3.36 -10.58 6.46
N ASP D 67 -3.12 -9.44 7.10
CA ASP D 67 -3.54 -8.13 6.58
C ASP D 67 -2.41 -7.56 5.74
N LYS D 68 -2.43 -6.25 5.44
CA LYS D 68 -1.40 -5.59 4.63
C LYS D 68 -0.02 -5.64 5.30
N TRP D 69 0.02 -5.74 6.63
CA TRP D 69 1.26 -5.81 7.46
C TRP D 69 1.78 -7.24 7.54
N GLY D 70 0.99 -8.24 7.13
CA GLY D 70 1.25 -9.66 7.31
C GLY D 70 0.85 -10.14 8.70
N ASP D 71 0.12 -9.33 9.44
CA ASP D 71 -0.37 -9.69 10.79
C ASP D 71 -1.64 -10.54 10.73
N THR D 72 -1.74 -11.49 11.64
CA THR D 72 -2.89 -12.38 11.86
C THR D 72 -3.75 -11.80 12.97
N PRO D 73 -4.98 -12.30 13.13
CA PRO D 73 -5.80 -11.87 14.28
C PRO D 73 -5.05 -12.07 15.61
N LEU D 74 -4.27 -13.14 15.77
CA LEU D 74 -3.53 -13.36 17.03
C LEU D 74 -2.54 -12.23 17.25
N HIS D 75 -1.82 -11.78 16.21
CA HIS D 75 -0.94 -10.59 16.37
C HIS D 75 -1.76 -9.47 17.01
N LEU D 76 -2.93 -9.19 16.45
CA LEU D 76 -3.67 -7.97 16.84
C LEU D 76 -4.22 -8.15 18.24
N ALA D 77 -4.76 -9.30 18.60
CA ALA D 77 -5.26 -9.52 19.97
C ALA D 77 -4.08 -9.43 20.95
N ALA D 78 -2.91 -9.93 20.57
CA ALA D 78 -1.72 -9.92 21.45
C ALA D 78 -1.27 -8.47 21.67
N SER D 79 -1.27 -7.66 20.61
CA SER D 79 -0.78 -6.25 20.67
CA SER D 79 -0.80 -6.25 20.65
C SER D 79 -1.78 -5.41 21.49
N GLN D 80 -3.05 -5.76 21.44
CA GLN D 80 -4.11 -4.96 22.08
C GLN D 80 -4.33 -5.40 23.53
N GLY D 81 -3.85 -6.59 23.91
CA GLY D 81 -3.97 -7.11 25.28
C GLY D 81 -5.27 -7.88 25.56
N HIS D 82 -5.88 -8.46 24.52
CA HIS D 82 -7.17 -9.20 24.65
C HIS D 82 -6.87 -10.66 24.98
N LEU D 83 -6.77 -10.98 26.28
CA LEU D 83 -6.24 -12.28 26.74
C LEU D 83 -7.18 -13.43 26.32
N GLU D 84 -8.47 -13.31 26.60
CA GLU D 84 -9.45 -14.37 26.29
C GLU D 84 -9.45 -14.64 24.78
N ILE D 85 -9.38 -13.59 23.96
CA ILE D 85 -9.35 -13.75 22.50
C ILE D 85 -8.04 -14.47 22.10
N VAL D 86 -6.91 -14.13 22.69
CA VAL D 86 -5.65 -14.84 22.37
C VAL D 86 -5.88 -16.34 22.63
N GLU D 87 -6.46 -16.69 23.75
CA GLU D 87 -6.71 -18.11 24.13
C GLU D 87 -7.64 -18.79 23.14
N VAL D 88 -8.74 -18.17 22.79
CA VAL D 88 -9.72 -18.72 21.85
C VAL D 88 -9.07 -18.91 20.50
N LEU D 89 -8.31 -17.92 20.02
CA LEU D 89 -7.63 -18.03 18.72
C LEU D 89 -6.67 -19.22 18.72
N LEU D 90 -5.90 -19.41 19.80
CA LEU D 90 -4.95 -20.54 19.87
C LEU D 90 -5.71 -21.86 19.85
N LYS D 91 -6.84 -21.95 20.59
CA LYS D 91 -7.64 -23.21 20.59
C LYS D 91 -8.17 -23.48 19.18
N ALA D 92 -8.37 -22.45 18.36
CA ALA D 92 -8.95 -22.60 16.99
C ALA D 92 -7.85 -22.75 15.91
N GLY D 93 -6.61 -22.93 16.30
CA GLY D 93 -5.53 -23.29 15.37
C GLY D 93 -4.70 -22.08 14.91
N ALA D 94 -4.72 -21.00 15.67
CA ALA D 94 -3.83 -19.85 15.37
C ALA D 94 -2.38 -20.35 15.43
N ASP D 95 -1.55 -19.83 14.57
CA ASP D 95 -0.09 -20.05 14.55
C ASP D 95 0.57 -19.14 15.58
N VAL D 96 1.07 -19.70 16.68
CA VAL D 96 1.67 -18.89 17.79
C VAL D 96 2.92 -18.17 17.27
N ASN D 97 3.52 -18.71 16.23
CA ASN D 97 4.81 -18.20 15.68
C ASN D 97 4.58 -17.55 14.30
N ALA D 98 3.36 -17.15 13.95
CA ALA D 98 3.10 -16.41 12.69
C ALA D 98 4.03 -15.20 12.65
N THR D 99 4.66 -15.00 11.50
CA THR D 99 5.63 -13.94 11.26
C THR D 99 5.04 -12.99 10.22
N ASP D 100 4.94 -11.70 10.54
CA ASP D 100 4.44 -10.68 9.62
C ASP D 100 5.56 -10.21 8.69
N PHE D 101 5.28 -9.22 7.85
CA PHE D 101 6.23 -8.87 6.76
C PHE D 101 7.42 -8.07 7.27
N THR D 102 7.45 -7.66 8.54
CA THR D 102 8.67 -7.11 9.19
C THR D 102 9.20 -8.06 10.26
N GLY D 103 8.78 -9.32 10.22
CA GLY D 103 9.36 -10.37 11.04
C GLY D 103 8.83 -10.39 12.46
N ASN D 104 7.76 -9.68 12.77
CA ASN D 104 7.13 -9.71 14.10
C ASN D 104 6.34 -11.02 14.26
N THR D 105 6.49 -11.64 15.41
CA THR D 105 5.62 -12.70 15.94
C THR D 105 4.61 -12.07 16.88
N PRO D 106 3.56 -12.79 17.28
CA PRO D 106 2.69 -12.29 18.35
C PRO D 106 3.43 -11.94 19.65
N LEU D 107 4.45 -12.71 19.99
CA LEU D 107 5.22 -12.49 21.23
C LEU D 107 5.97 -11.16 21.12
N HIS D 108 6.50 -10.81 19.94
CA HIS D 108 7.14 -9.50 19.74
C HIS D 108 6.15 -8.40 20.14
N LEU D 109 4.93 -8.48 19.65
CA LEU D 109 3.99 -7.35 19.84
C LEU D 109 3.56 -7.31 21.33
N ALA D 110 3.27 -8.46 21.95
CA ALA D 110 2.89 -8.48 23.38
C ALA D 110 4.06 -7.93 24.22
N ALA D 111 5.28 -8.30 23.90
CA ALA D 111 6.47 -7.91 24.68
C ALA D 111 6.70 -6.40 24.53
N TYR D 112 6.46 -5.88 23.34
CA TYR D 112 6.68 -4.45 22.99
C TYR D 112 5.66 -3.58 23.70
N ILE D 113 4.39 -3.90 23.55
CA ILE D 113 3.32 -3.07 24.15
C ILE D 113 3.34 -3.28 25.67
N GLY D 114 3.59 -4.51 26.14
CA GLY D 114 3.82 -4.82 27.56
C GLY D 114 2.66 -5.56 28.20
N HIS D 115 2.15 -6.62 27.56
CA HIS D 115 1.05 -7.45 28.09
C HIS D 115 1.64 -8.74 28.69
N LEU D 116 1.84 -8.75 30.01
CA LEU D 116 2.60 -9.83 30.69
C LEU D 116 1.80 -11.13 30.58
N GLU D 117 0.49 -11.09 30.84
CA GLU D 117 -0.33 -12.33 30.90
CA GLU D 117 -0.34 -12.31 30.90
C GLU D 117 -0.37 -12.95 29.49
N ILE D 118 -0.42 -12.13 28.46
CA ILE D 118 -0.38 -12.58 27.04
C ILE D 118 0.98 -13.22 26.79
N VAL D 119 2.05 -12.56 27.19
CA VAL D 119 3.41 -13.14 27.03
C VAL D 119 3.47 -14.53 27.66
N GLU D 120 2.88 -14.74 28.84
CA GLU D 120 2.96 -16.06 29.52
C GLU D 120 2.16 -17.07 28.70
N VAL D 121 0.99 -16.70 28.22
CA VAL D 121 0.11 -17.58 27.42
C VAL D 121 0.81 -17.96 26.13
N LEU D 122 1.43 -16.99 25.47
CA LEU D 122 2.10 -17.31 24.18
C LEU D 122 3.24 -18.28 24.46
N LEU D 123 4.02 -18.04 25.52
CA LEU D 123 5.18 -18.94 25.85
C LEU D 123 4.67 -20.37 26.09
N LYS D 124 3.59 -20.56 26.83
CA LYS D 124 3.06 -21.90 27.16
C LYS D 124 2.66 -22.63 25.88
N HIS D 125 2.26 -21.91 24.84
CA HIS D 125 1.80 -22.54 23.57
C HIS D 125 2.98 -22.69 22.59
N GLY D 126 4.22 -22.47 23.01
CA GLY D 126 5.42 -22.72 22.17
C GLY D 126 5.91 -21.51 21.39
N ALA D 127 5.56 -20.28 21.78
CA ALA D 127 6.11 -19.05 21.16
C ALA D 127 7.65 -19.12 21.22
N ASP D 128 8.30 -18.80 20.13
CA ASP D 128 9.77 -18.92 19.97
C ASP D 128 10.38 -17.66 20.58
N VAL D 129 11.07 -17.79 21.71
CA VAL D 129 11.73 -16.65 22.41
C VAL D 129 12.90 -16.12 21.58
N ASN D 130 13.43 -16.91 20.65
CA ASN D 130 14.66 -16.54 19.89
C ASN D 130 14.34 -15.83 18.56
N ALA D 131 13.07 -15.75 18.16
CA ALA D 131 12.64 -15.18 16.88
C ALA D 131 13.09 -13.71 16.83
N GLN D 132 13.70 -13.36 15.72
CA GLN D 132 14.22 -12.02 15.45
C GLN D 132 13.36 -11.40 14.36
N ASP D 133 13.04 -10.12 14.54
CA ASP D 133 12.39 -9.33 13.49
C ASP D 133 13.45 -8.94 12.45
N LYS D 134 13.05 -8.18 11.42
CA LYS D 134 13.97 -7.84 10.33
C LYS D 134 15.02 -6.85 10.80
N PHE D 135 14.90 -6.29 12.01
CA PHE D 135 15.97 -5.45 12.64
C PHE D 135 16.88 -6.30 13.57
N GLY D 136 16.66 -7.59 13.67
CA GLY D 136 17.46 -8.48 14.54
C GLY D 136 16.97 -8.49 15.98
N LYS D 137 15.78 -7.97 16.27
CA LYS D 137 15.33 -7.83 17.69
C LYS D 137 14.55 -9.08 18.09
N THR D 138 14.80 -9.63 19.24
CA THR D 138 13.94 -10.67 19.88
C THR D 138 12.84 -9.97 20.67
N PRO D 139 11.83 -10.72 21.15
CA PRO D 139 10.84 -10.14 22.07
C PRO D 139 11.49 -9.59 23.34
N PHE D 140 12.48 -10.29 23.88
CA PHE D 140 13.28 -9.78 25.01
C PHE D 140 13.87 -8.40 24.67
N ASP D 141 14.50 -8.25 23.51
CA ASP D 141 15.09 -6.95 23.09
C ASP D 141 14.00 -5.87 23.13
N LEU D 142 12.81 -6.15 22.60
CA LEU D 142 11.73 -5.14 22.55
C LEU D 142 11.26 -4.81 23.97
N ALA D 143 11.22 -5.78 24.89
CA ALA D 143 10.79 -5.52 26.27
C ALA D 143 11.83 -4.63 26.95
N ILE D 144 13.10 -4.92 26.73
CA ILE D 144 14.20 -4.05 27.24
C ILE D 144 14.04 -2.65 26.64
N ASP D 145 13.87 -2.57 25.33
CA ASP D 145 13.85 -1.26 24.60
C ASP D 145 12.68 -0.42 25.12
N ASN D 146 11.61 -1.01 25.61
CA ASN D 146 10.41 -0.26 26.02
C ASN D 146 10.24 -0.29 27.54
N GLY D 147 11.24 -0.75 28.28
CA GLY D 147 11.26 -0.73 29.75
C GLY D 147 10.19 -1.59 30.37
N ASN D 148 9.81 -2.69 29.71
CA ASN D 148 8.85 -3.67 30.25
C ASN D 148 9.66 -4.70 31.04
N GLU D 149 10.03 -4.34 32.24
CA GLU D 149 11.07 -5.04 33.03
C GLU D 149 10.58 -6.44 33.41
N ASP D 150 9.33 -6.56 33.84
CA ASP D 150 8.76 -7.83 34.31
C ASP D 150 8.78 -8.83 33.15
N ILE D 151 8.37 -8.35 31.96
CA ILE D 151 8.32 -9.18 30.73
C ILE D 151 9.75 -9.55 30.31
N ALA D 152 10.70 -8.64 30.42
CA ALA D 152 12.12 -8.90 30.05
C ALA D 152 12.65 -10.03 30.94
N GLU D 153 12.31 -10.00 32.21
CA GLU D 153 12.73 -11.04 33.21
C GLU D 153 12.11 -12.39 32.84
N VAL D 154 10.81 -12.41 32.54
CA VAL D 154 10.13 -13.67 32.20
C VAL D 154 10.77 -14.24 30.95
N LEU D 155 11.06 -13.42 29.95
CA LEU D 155 11.64 -13.87 28.67
C LEU D 155 13.07 -14.39 28.88
N GLN D 156 13.86 -13.70 29.71
CA GLN D 156 15.23 -14.13 30.05
C GLN D 156 15.19 -15.56 30.63
N LYS D 157 14.32 -15.80 31.59
CA LYS D 157 14.25 -17.12 32.26
C LYS D 157 13.77 -18.17 31.25
N ALA D 158 12.98 -17.80 30.24
CA ALA D 158 12.42 -18.75 29.27
C ALA D 158 13.47 -19.10 28.20
N ALA D 159 14.49 -18.25 28.02
CA ALA D 159 15.55 -18.34 26.98
C ALA D 159 16.28 -19.69 27.06
#